data_9JKD
#
_entry.id   9JKD
#
_cell.length_a   118.270
_cell.length_b   118.270
_cell.length_c   136.942
_cell.angle_alpha   90.000
_cell.angle_beta   90.000
_cell.angle_gamma   90.000
#
_symmetry.space_group_name_H-M   'P 43 21 2'
#
loop_
_entity.id
_entity.type
_entity.pdbx_description
1 polymer 'RNA dependent RNA polymerase'
2 polymer 'RNA (30-MER)'
3 polymer "RNA (5'-R(P*GP*GP*AP*UP*AP*UP*AP*AP*U)-3')"
4 non-polymer GLYCEROL
5 water water
#
loop_
_entity_poly.entity_id
_entity_poly.type
_entity_poly.pdbx_seq_one_letter_code
_entity_poly.pdbx_strand_id
1 'polypeptide(L)'
;MQARARAFRLKSYADGDLLRELRQFDGAKNASELGPRAFVRDSHRLDAAVEKASKLTDPTFHISQYQLPHPYSFGGGPPN
PERPLTAPLISAINKVSQRTRDPVGYRKRAKESIDLGDFTTHDPDTLHPRFLEYVHERTRSVDGPTDDAMRAAQTVFARL
WRRKGCKVKARSLSDAQPDNLLAIIKKGSPGEYRSLGAEDRRDPRLIATMSSSLLRYASAGVQVARGRPPPGWVDTTTQV
TLTFGKREPKAAKIVDGVRQAPVPRFIFNLSPVNYALASFLHYDISHFLMDNDPTHGPGFGPGRGRARKFMDLVERAFDG
RFSTPDGARLIMSDITKWDANMCEALIKYSIDLLEDAVDKSALSPEGLATRGLMYRVARRQLLEKLVEHPAGYFVKLYGC
MPSGSFYTSLVNTTGNNLLVIGHAIARAVEETSLTHHGAAELLADAVDGTLISYGDNQLFSEHLFSVLGLAYDPEKHAEF
LARFGMKLKVDETEVTVKLGRVRFCSRSLVRTPHGLLITRSHNSLFAKLAGRPRHDPVVDKLYVRAMMVDHMGTDPIVYA
ILNEIDRSLNVSLEAAGLTDAAKKVLEDTAQSMFGNREQDALLAVYRALSETVIDRRALLSLHTPRDGDHDPGRLHTSVS
TGMHLFTGELTPAAQWAYECTVEKWCQYLHDTDQEGVMFDGSSSHHHHHH
;
A
2 'polyribonucleotide' GGGAGAUGAAAAUCUCCAUAGAUUAUAUCC B
3 'polyribonucleotide' GGAUAUAAU C
#
loop_
_chem_comp.id
_chem_comp.type
_chem_comp.name
_chem_comp.formula
A RNA linking ADENOSINE-5'-MONOPHOSPHATE 'C10 H14 N5 O7 P'
C RNA linking CYTIDINE-5'-MONOPHOSPHATE 'C9 H14 N3 O8 P'
G RNA linking GUANOSINE-5'-MONOPHOSPHATE 'C10 H14 N5 O8 P'
GOL non-polymer GLYCEROL 'C3 H8 O3'
U RNA linking URIDINE-5'-MONOPHOSPHATE 'C9 H13 N2 O9 P'
#
# COMPACT_ATOMS: atom_id res chain seq x y z
N GLN A 2 21.10 25.17 -3.98
CA GLN A 2 21.12 26.24 -4.95
C GLN A 2 20.04 27.29 -4.68
N ALA A 3 19.28 27.11 -3.60
CA ALA A 3 18.11 27.95 -3.31
C ALA A 3 18.20 28.61 -1.93
N ARG A 4 19.40 29.04 -1.54
CA ARG A 4 19.75 29.66 -0.25
C ARG A 4 19.88 28.61 0.85
N ALA A 5 19.15 27.49 0.74
CA ALA A 5 19.39 26.33 1.59
C ALA A 5 20.52 25.53 0.96
N ARG A 6 21.75 25.95 1.26
CA ARG A 6 22.95 25.24 0.85
C ARG A 6 23.55 24.50 2.04
N ALA A 7 23.94 23.25 1.83
CA ALA A 7 24.43 22.44 2.94
C ALA A 7 25.90 22.73 3.22
N PHE A 8 26.30 22.57 4.48
CA PHE A 8 27.69 22.68 4.88
C PHE A 8 28.28 21.27 5.10
N ARG A 9 29.60 21.15 4.94
CA ARG A 9 30.30 19.88 5.06
C ARG A 9 30.95 19.75 6.43
N LEU A 10 30.61 18.68 7.14
CA LEU A 10 31.23 18.39 8.42
C LEU A 10 32.63 17.82 8.22
N LYS A 11 33.39 17.76 9.33
CA LYS A 11 34.80 17.42 9.28
C LYS A 11 35.03 15.91 9.35
N SER A 12 34.22 15.19 10.11
CA SER A 12 34.45 13.77 10.33
C SER A 12 34.04 12.95 9.12
N TYR A 13 34.33 11.66 9.17
CA TYR A 13 33.83 10.72 8.17
C TYR A 13 33.02 9.58 8.78
N ALA A 14 33.54 8.94 9.83
CA ALA A 14 32.86 7.78 10.40
C ALA A 14 31.59 8.21 11.12
N ASP A 15 30.62 7.29 11.18
CA ASP A 15 29.31 7.63 11.72
C ASP A 15 29.40 8.10 13.16
N GLY A 16 30.22 7.41 13.97
CA GLY A 16 30.34 7.76 15.38
C GLY A 16 30.92 9.15 15.60
N ASP A 17 31.85 9.56 14.73
CA ASP A 17 32.40 10.91 14.81
C ASP A 17 31.45 11.95 14.25
N LEU A 18 30.75 11.63 13.15
CA LEU A 18 29.74 12.56 12.64
C LEU A 18 28.64 12.78 13.67
N LEU A 19 28.26 11.72 14.38
CA LEU A 19 27.22 11.82 15.39
C LEU A 19 27.60 12.82 16.49
N ARG A 20 28.85 12.75 16.99
CA ARG A 20 29.30 13.73 17.98
C ARG A 20 29.25 15.14 17.42
N GLU A 21 29.66 15.33 16.17
CA GLU A 21 29.60 16.65 15.57
C GLU A 21 28.19 17.21 15.52
N LEU A 22 27.19 16.32 15.38
CA LEU A 22 25.83 16.80 15.18
C LEU A 22 25.25 17.43 16.43
N ARG A 23 25.78 17.08 17.62
CA ARG A 23 25.26 17.64 18.87
C ARG A 23 25.32 19.16 18.87
N GLN A 24 26.28 19.74 18.19
CA GLN A 24 26.41 21.18 18.22
C GLN A 24 25.28 21.91 17.51
N PHE A 25 24.35 21.20 16.87
CA PHE A 25 23.19 21.82 16.23
C PHE A 25 21.87 21.45 16.89
N ASP A 26 21.90 20.62 17.92
CA ASP A 26 20.68 20.24 18.61
C ASP A 26 20.01 21.46 19.26
N GLY A 27 18.69 21.41 19.37
CA GLY A 27 17.91 22.61 19.62
C GLY A 27 17.07 22.59 20.88
N GLY A 35 4.54 24.48 21.04
CA GLY A 35 4.36 23.59 22.17
C GLY A 35 5.18 22.31 22.07
N PRO A 36 4.61 21.21 22.49
CA PRO A 36 5.32 19.90 22.44
C PRO A 36 5.23 19.18 21.10
N ARG A 37 4.63 19.84 20.10
CA ARG A 37 4.51 19.35 18.74
C ARG A 37 5.22 20.26 17.75
N ALA A 38 6.09 21.15 18.23
CA ALA A 38 7.06 21.83 17.39
C ALA A 38 8.31 20.97 17.31
N PHE A 39 9.05 21.11 16.19
CA PHE A 39 10.21 20.25 15.99
C PHE A 39 11.45 20.79 16.69
N VAL A 40 12.13 19.90 17.41
CA VAL A 40 13.43 20.18 18.02
C VAL A 40 14.44 19.20 17.46
N ARG A 41 15.52 19.72 16.88
CA ARG A 41 16.60 18.89 16.40
C ARG A 41 17.22 18.12 17.56
N ASP A 42 17.43 16.82 17.36
CA ASP A 42 17.97 15.97 18.43
C ASP A 42 18.79 14.83 17.82
N SER A 43 20.11 15.01 17.79
CA SER A 43 20.99 13.98 17.26
C SER A 43 20.94 12.67 18.05
N HIS A 44 20.47 12.69 19.29
CA HIS A 44 20.40 11.44 20.05
C HIS A 44 19.36 10.48 19.48
N ARG A 45 18.39 10.97 18.69
CA ARG A 45 17.52 10.05 17.96
C ARG A 45 18.30 9.16 16.98
N LEU A 46 19.54 9.50 16.65
CA LEU A 46 20.38 8.65 15.81
C LEU A 46 21.24 7.66 16.59
N ASP A 47 21.31 7.78 17.93
CA ASP A 47 22.27 7.01 18.73
C ASP A 47 22.14 5.51 18.48
N ALA A 48 20.92 4.98 18.55
CA ALA A 48 20.79 3.54 18.43
C ALA A 48 21.10 3.07 17.01
N ALA A 49 20.69 3.85 16.00
CA ALA A 49 20.97 3.45 14.63
C ALA A 49 22.46 3.42 14.36
N VAL A 50 23.19 4.42 14.85
CA VAL A 50 24.64 4.43 14.69
C VAL A 50 25.27 3.26 15.41
N GLU A 51 24.78 2.93 16.61
CA GLU A 51 25.32 1.80 17.34
C GLU A 51 25.10 0.51 16.59
N LYS A 52 23.87 0.31 16.08
CA LYS A 52 23.57 -0.92 15.34
C LYS A 52 24.45 -1.05 14.10
N ALA A 53 24.59 0.04 13.34
CA ALA A 53 25.34 -0.03 12.09
C ALA A 53 26.81 -0.32 12.32
N SER A 54 27.35 0.02 13.49
CA SER A 54 28.79 -0.13 13.73
C SER A 54 29.23 -1.58 13.71
N LYS A 55 28.34 -2.52 13.94
CA LYS A 55 28.68 -3.94 13.96
C LYS A 55 28.42 -4.63 12.63
N LEU A 56 28.00 -3.89 11.62
CA LEU A 56 27.66 -4.46 10.32
C LEU A 56 28.84 -4.31 9.36
N THR A 57 28.97 -5.29 8.48
CA THR A 57 30.01 -5.23 7.46
C THR A 57 29.69 -4.22 6.38
N ASP A 58 28.45 -4.25 5.85
CA ASP A 58 28.04 -3.42 4.73
C ASP A 58 26.69 -2.79 5.07
N PRO A 59 26.68 -1.77 5.95
CA PRO A 59 25.42 -1.25 6.48
C PRO A 59 24.61 -0.47 5.43
N THR A 60 23.28 -0.62 5.53
CA THR A 60 22.37 0.11 4.65
C THR A 60 22.36 1.60 4.91
N PHE A 61 23.05 2.08 5.94
CA PHE A 61 22.86 3.46 6.38
C PHE A 61 24.19 4.06 6.83
N HIS A 62 24.42 5.33 6.46
CA HIS A 62 25.50 6.14 6.99
C HIS A 62 24.98 7.55 7.24
N ILE A 63 25.59 8.26 8.19
CA ILE A 63 25.29 9.67 8.38
C ILE A 63 25.88 10.48 7.23
N SER A 64 25.12 11.46 6.73
CA SER A 64 25.63 12.29 5.65
C SER A 64 26.66 13.27 6.20
N GLN A 65 27.77 13.41 5.49
CA GLN A 65 28.73 14.48 5.78
C GLN A 65 28.15 15.87 5.56
N TYR A 66 27.11 15.99 4.73
CA TYR A 66 26.50 17.27 4.40
C TYR A 66 25.19 17.43 5.18
N GLN A 67 24.98 18.63 5.72
CA GLN A 67 23.86 18.89 6.62
C GLN A 67 23.37 20.32 6.38
N LEU A 68 22.14 20.60 6.78
CA LEU A 68 21.64 21.95 6.52
C LEU A 68 21.63 22.77 7.82
N PRO A 69 21.81 24.09 7.73
CA PRO A 69 21.59 24.94 8.91
C PRO A 69 20.23 24.72 9.54
N HIS A 70 19.19 24.57 8.72
CA HIS A 70 17.84 24.35 9.22
C HIS A 70 17.22 23.09 8.64
N PRO A 71 16.55 22.30 9.47
CA PRO A 71 15.96 21.05 9.00
C PRO A 71 14.54 21.23 8.49
N TYR A 72 14.12 20.27 7.67
CA TYR A 72 12.77 20.24 7.13
C TYR A 72 11.76 19.60 8.07
N SER A 73 12.21 18.70 8.94
CA SER A 73 11.32 17.89 9.76
C SER A 73 10.38 18.74 10.61
N PHE A 74 9.19 18.20 10.88
CA PHE A 74 8.22 18.87 11.75
C PHE A 74 7.95 18.02 12.99
N GLY A 75 7.54 18.69 14.07
CA GLY A 75 7.20 18.02 15.31
C GLY A 75 5.83 17.36 15.27
N GLY A 76 5.54 16.63 16.34
CA GLY A 76 4.28 15.95 16.46
C GLY A 76 4.04 15.54 17.90
N GLY A 77 3.15 14.57 18.08
CA GLY A 77 2.81 14.07 19.39
C GLY A 77 1.73 12.99 19.35
N PRO A 78 1.25 12.56 20.51
CA PRO A 78 0.29 11.44 20.56
C PRO A 78 -1.11 11.89 20.18
N PRO A 79 -1.99 10.97 19.83
CA PRO A 79 -3.36 11.33 19.46
C PRO A 79 -4.19 11.60 20.71
N ASN A 80 -5.45 11.92 20.51
N ASN A 80 -5.46 11.90 20.51
CA ASN A 80 -6.36 11.97 21.63
CA ASN A 80 -6.40 11.96 21.62
C ASN A 80 -6.44 10.59 22.26
C ASN A 80 -6.45 10.58 22.26
N PRO A 81 -6.37 10.49 23.60
CA PRO A 81 -6.31 9.18 24.24
C PRO A 81 -7.63 8.43 24.32
N GLU A 82 -8.77 9.11 24.22
CA GLU A 82 -10.06 8.43 24.34
C GLU A 82 -10.35 7.56 23.11
N ARG A 83 -11.01 6.42 23.35
CA ARG A 83 -11.47 5.49 22.32
C ARG A 83 -12.99 5.36 22.42
N PRO A 84 -13.74 6.31 21.87
CA PRO A 84 -15.20 6.36 22.16
C PRO A 84 -16.03 5.25 21.51
N LEU A 85 -15.48 4.46 20.61
CA LEU A 85 -16.28 3.44 19.96
C LEU A 85 -16.13 2.08 20.61
N THR A 86 -15.23 1.94 21.58
CA THR A 86 -14.99 0.62 22.15
C THR A 86 -16.17 0.14 22.98
N ALA A 87 -16.70 0.98 23.86
CA ALA A 87 -17.88 0.58 24.62
C ALA A 87 -19.07 0.28 23.73
N PRO A 88 -19.50 1.15 22.80
CA PRO A 88 -20.62 0.78 21.93
C PRO A 88 -20.37 -0.50 21.14
N LEU A 89 -19.14 -0.73 20.70
CA LEU A 89 -18.83 -1.92 19.92
C LEU A 89 -19.01 -3.17 20.76
N ILE A 90 -18.67 -3.10 22.04
CA ILE A 90 -18.80 -4.25 22.92
C ILE A 90 -20.28 -4.60 23.14
N SER A 91 -21.11 -3.59 23.45
CA SER A 91 -22.55 -3.83 23.56
C SER A 91 -23.10 -4.42 22.27
N ALA A 92 -22.71 -3.85 21.12
CA ALA A 92 -23.19 -4.38 19.84
C ALA A 92 -22.77 -5.83 19.65
N ILE A 93 -21.54 -6.17 20.01
CA ILE A 93 -21.10 -7.55 19.87
C ILE A 93 -21.85 -8.44 20.86
N ASN A 94 -22.05 -7.96 22.08
CA ASN A 94 -22.84 -8.69 23.07
C ASN A 94 -24.21 -9.06 22.52
N LYS A 95 -24.88 -8.12 21.89
CA LYS A 95 -26.22 -8.39 21.39
C LYS A 95 -26.19 -9.33 20.19
N VAL A 96 -25.46 -8.95 19.13
CA VAL A 96 -25.54 -9.70 17.88
C VAL A 96 -24.91 -11.08 18.01
N SER A 97 -23.93 -11.27 18.89
CA SER A 97 -23.31 -12.59 19.01
C SER A 97 -24.33 -13.66 19.35
N GLN A 98 -25.38 -13.29 20.09
CA GLN A 98 -26.40 -14.25 20.53
C GLN A 98 -27.13 -14.89 19.37
N ARG A 99 -27.14 -14.26 18.20
CA ARG A 99 -27.83 -14.83 17.05
C ARG A 99 -26.91 -15.69 16.18
N THR A 100 -25.67 -15.90 16.62
CA THR A 100 -24.72 -16.74 15.90
C THR A 100 -24.65 -18.11 16.56
N ARG A 101 -23.96 -19.04 15.88
CA ARG A 101 -23.96 -20.44 16.32
C ARG A 101 -23.19 -20.62 17.63
N ASP A 102 -22.09 -19.89 17.83
CA ASP A 102 -21.29 -20.01 19.05
C ASP A 102 -21.14 -18.63 19.68
N PRO A 103 -22.14 -18.18 20.42
CA PRO A 103 -22.08 -16.81 20.98
C PRO A 103 -20.88 -16.54 21.89
N VAL A 104 -20.52 -17.47 22.77
CA VAL A 104 -19.40 -17.21 23.68
C VAL A 104 -18.08 -17.26 22.91
N GLY A 105 -17.98 -18.16 21.92
CA GLY A 105 -16.80 -18.18 21.07
C GLY A 105 -16.66 -16.91 20.25
N TYR A 106 -17.75 -16.42 19.66
CA TYR A 106 -17.69 -15.18 18.89
C TYR A 106 -17.25 -14.03 19.78
N ARG A 107 -17.75 -13.99 21.00
CA ARG A 107 -17.39 -12.87 21.88
C ARG A 107 -15.94 -12.95 22.33
N LYS A 108 -15.39 -14.17 22.43
CA LYS A 108 -14.00 -14.31 22.85
C LYS A 108 -13.05 -14.01 21.71
N ARG A 109 -13.31 -14.62 20.55
CA ARG A 109 -12.57 -14.30 19.34
C ARG A 109 -12.58 -12.80 19.05
N ALA A 110 -13.71 -12.13 19.31
CA ALA A 110 -13.80 -10.71 19.03
C ALA A 110 -13.10 -9.87 20.10
N LYS A 111 -13.08 -10.34 21.35
CA LYS A 111 -12.41 -9.59 22.39
C LYS A 111 -10.90 -9.53 22.17
N GLU A 112 -10.32 -10.59 21.61
CA GLU A 112 -8.90 -10.59 21.29
C GLU A 112 -8.55 -9.40 20.38
N SER A 113 -9.37 -9.14 19.37
CA SER A 113 -9.11 -8.06 18.42
C SER A 113 -9.28 -6.69 19.07
N ILE A 114 -10.36 -6.52 19.85
CA ILE A 114 -10.61 -5.22 20.47
C ILE A 114 -9.45 -4.83 21.37
N ASP A 115 -8.86 -5.80 22.07
CA ASP A 115 -7.77 -5.51 22.98
C ASP A 115 -6.54 -5.00 22.23
N LEU A 116 -6.31 -5.48 21.01
CA LEU A 116 -5.15 -5.07 20.22
C LEU A 116 -5.35 -3.73 19.50
N GLY A 117 -6.56 -3.21 19.42
CA GLY A 117 -6.83 -2.02 18.61
C GLY A 117 -6.06 -0.80 19.10
N ASP A 118 -5.25 -0.21 18.22
CA ASP A 118 -4.46 0.96 18.60
C ASP A 118 -4.35 1.93 17.42
N PHE A 119 -3.38 2.83 17.51
CA PHE A 119 -3.33 3.99 16.62
C PHE A 119 -1.94 4.63 16.69
N THR A 120 -1.37 4.97 15.53
CA THR A 120 -0.07 5.63 15.46
C THR A 120 -0.23 7.07 14.97
N THR A 121 0.67 7.95 15.43
CA THR A 121 0.77 9.31 14.92
C THR A 121 2.22 9.61 14.51
N HIS A 122 2.38 10.72 13.81
CA HIS A 122 3.71 11.25 13.62
C HIS A 122 4.22 11.94 14.88
N ASP A 123 5.38 11.52 15.33
CA ASP A 123 6.07 12.09 16.48
C ASP A 123 7.54 11.71 16.33
N PRO A 124 8.43 12.68 16.14
CA PRO A 124 9.84 12.33 15.92
C PRO A 124 10.42 11.47 17.02
N ASP A 125 9.88 11.55 18.24
CA ASP A 125 10.44 10.77 19.34
C ASP A 125 9.91 9.34 19.41
N THR A 126 8.85 9.01 18.69
CA THR A 126 8.42 7.62 18.54
C THR A 126 8.75 7.05 17.17
N LEU A 127 9.09 7.90 16.19
CA LEU A 127 9.40 7.42 14.85
C LEU A 127 10.79 6.80 14.77
N HIS A 128 11.79 7.37 15.47
CA HIS A 128 13.17 6.95 15.21
C HIS A 128 13.45 5.48 15.51
N PRO A 129 12.80 4.82 16.48
CA PRO A 129 13.02 3.36 16.62
C PRO A 129 12.55 2.57 15.43
N ARG A 130 11.55 3.05 14.70
CA ARG A 130 11.13 2.34 13.49
C ARG A 130 12.24 2.30 12.44
N PHE A 131 13.10 3.33 12.39
CA PHE A 131 14.15 3.39 11.39
C PHE A 131 15.18 2.26 11.57
N LEU A 132 15.29 1.71 12.78
CA LEU A 132 16.21 0.60 12.99
C LEU A 132 15.88 -0.58 12.07
N GLU A 133 14.61 -0.75 11.70
CA GLU A 133 14.25 -1.79 10.73
C GLU A 133 14.95 -1.61 9.40
N TYR A 134 15.35 -0.38 9.06
CA TYR A 134 16.02 -0.09 7.80
C TYR A 134 17.54 -0.21 7.92
N VAL A 135 18.07 -0.51 9.11
CA VAL A 135 19.51 -0.54 9.37
C VAL A 135 19.92 -2.00 9.47
N HIS A 136 20.55 -2.54 8.41
CA HIS A 136 20.99 -3.93 8.42
C HIS A 136 22.03 -4.09 7.30
N GLU A 137 22.38 -5.33 6.97
CA GLU A 137 23.35 -5.57 5.90
C GLU A 137 22.74 -5.32 4.53
N ARG A 138 23.52 -4.72 3.64
CA ARG A 138 23.10 -4.59 2.25
C ARG A 138 23.19 -5.93 1.54
N THR A 139 22.37 -6.08 0.48
CA THR A 139 22.55 -7.18 -0.47
C THR A 139 22.59 -6.54 -1.84
N ARG A 140 23.81 -6.24 -2.30
CA ARG A 140 24.00 -5.53 -3.57
C ARG A 140 23.71 -6.41 -4.77
N SER A 141 24.02 -7.70 -4.67
CA SER A 141 23.82 -8.65 -5.75
C SER A 141 23.74 -10.01 -5.09
N VAL A 142 23.19 -10.96 -5.82
CA VAL A 142 23.04 -12.33 -5.34
C VAL A 142 23.99 -13.24 -6.13
N ASP A 143 24.11 -14.49 -5.68
CA ASP A 143 25.09 -15.39 -6.28
C ASP A 143 24.62 -15.86 -7.66
N GLY A 144 25.47 -16.67 -8.31
CA GLY A 144 25.24 -17.11 -9.67
C GLY A 144 23.94 -17.85 -9.91
N PRO A 145 23.70 -18.92 -9.15
CA PRO A 145 22.43 -19.65 -9.31
C PRO A 145 21.20 -18.78 -9.12
N THR A 146 21.20 -17.91 -8.12
CA THR A 146 20.04 -17.05 -7.88
C THR A 146 19.88 -16.03 -9.01
N ASP A 147 21.00 -15.46 -9.47
CA ASP A 147 20.94 -14.49 -10.55
C ASP A 147 20.41 -15.12 -11.83
N ASP A 148 20.94 -16.30 -12.19
CA ASP A 148 20.41 -17.01 -13.35
C ASP A 148 18.92 -17.26 -13.23
N ALA A 149 18.44 -17.62 -12.03
CA ALA A 149 17.01 -17.83 -11.85
C ALA A 149 16.22 -16.51 -11.96
N MET A 150 16.75 -15.43 -11.38
CA MET A 150 16.06 -14.15 -11.43
C MET A 150 16.02 -13.58 -12.84
N ARG A 151 17.09 -13.77 -13.61
CA ARG A 151 17.06 -13.34 -15.01
C ARG A 151 16.14 -14.22 -15.85
N ALA A 152 16.05 -15.51 -15.55
CA ALA A 152 15.02 -16.32 -16.20
C ALA A 152 13.63 -15.82 -15.81
N ALA A 153 13.45 -15.46 -14.54
CA ALA A 153 12.14 -14.96 -14.13
C ALA A 153 11.81 -13.66 -14.86
N GLN A 154 12.81 -12.81 -15.12
CA GLN A 154 12.54 -11.62 -15.91
C GLN A 154 11.99 -11.97 -17.28
N THR A 155 12.55 -13.02 -17.94
CA THR A 155 12.03 -13.40 -19.25
C THR A 155 10.58 -13.87 -19.18
N VAL A 156 10.16 -14.45 -18.05
CA VAL A 156 8.78 -14.92 -17.94
C VAL A 156 7.82 -13.75 -18.10
N PHE A 157 8.04 -12.69 -17.32
CA PHE A 157 7.13 -11.55 -17.33
C PHE A 157 7.26 -10.76 -18.63
N ALA A 158 8.48 -10.64 -19.15
CA ALA A 158 8.65 -9.96 -20.42
C ALA A 158 7.86 -10.64 -21.52
N ARG A 159 7.84 -11.97 -21.52
CA ARG A 159 7.01 -12.71 -22.47
C ARG A 159 5.52 -12.51 -22.15
N LEU A 160 5.14 -12.66 -20.88
CA LEU A 160 3.76 -12.40 -20.50
C LEU A 160 3.28 -11.02 -20.94
N TRP A 161 4.12 -9.99 -20.77
CA TRP A 161 3.69 -8.64 -21.11
C TRP A 161 3.52 -8.47 -22.61
N ARG A 162 4.40 -9.08 -23.41
CA ARG A 162 4.24 -8.99 -24.86
C ARG A 162 2.98 -9.72 -25.33
N ARG A 163 2.72 -10.91 -24.79
CA ARG A 163 1.51 -11.65 -25.17
C ARG A 163 0.27 -10.88 -24.78
N LYS A 164 0.31 -10.16 -23.68
CA LYS A 164 -0.81 -9.33 -23.24
C LYS A 164 -0.92 -8.01 -24.00
N GLY A 165 -0.11 -7.81 -25.05
CA GLY A 165 -0.24 -6.65 -25.92
C GLY A 165 0.62 -5.45 -25.59
N CYS A 166 1.73 -5.62 -24.89
CA CYS A 166 2.55 -4.48 -24.50
C CYS A 166 3.15 -3.81 -25.74
N LYS A 167 2.79 -2.54 -25.94
CA LYS A 167 3.33 -1.72 -27.03
C LYS A 167 3.80 -0.36 -26.52
N VAL A 168 4.13 -0.26 -25.22
CA VAL A 168 4.56 1.00 -24.63
C VAL A 168 5.81 1.51 -25.34
N LYS A 169 5.80 2.79 -25.73
CA LYS A 169 6.93 3.42 -26.41
C LYS A 169 7.56 4.49 -25.54
N ALA A 170 8.88 4.65 -25.65
CA ALA A 170 9.58 5.73 -24.97
C ALA A 170 8.96 7.06 -25.37
N ARG A 171 8.80 7.93 -24.38
CA ARG A 171 8.26 9.25 -24.66
C ARG A 171 9.33 10.14 -25.29
N SER A 172 8.89 11.10 -26.10
CA SER A 172 9.82 12.12 -26.52
C SER A 172 9.82 13.27 -25.52
N LEU A 173 10.89 14.05 -25.57
CA LEU A 173 11.05 15.16 -24.64
C LEU A 173 10.01 16.25 -24.84
N SER A 174 9.24 16.22 -25.94
CA SER A 174 8.08 17.09 -26.08
C SER A 174 7.18 16.98 -24.87
N ASP A 175 7.09 15.78 -24.29
CA ASP A 175 6.26 15.57 -23.11
C ASP A 175 6.89 16.12 -21.83
N ALA A 176 8.16 16.53 -21.86
CA ALA A 176 8.72 17.25 -20.72
C ALA A 176 8.43 18.74 -20.75
N GLN A 177 7.77 19.26 -21.80
CA GLN A 177 7.36 20.66 -21.81
C GLN A 177 6.22 20.90 -20.82
N PRO A 178 6.18 22.07 -20.18
CA PRO A 178 5.24 22.28 -19.06
C PRO A 178 3.81 21.87 -19.34
N ASP A 179 3.26 22.24 -20.51
CA ASP A 179 1.86 21.95 -20.79
C ASP A 179 1.60 20.46 -20.98
N ASN A 180 2.57 19.71 -21.50
CA ASN A 180 2.40 18.27 -21.68
C ASN A 180 2.74 17.47 -20.44
N LEU A 181 3.70 17.95 -19.64
CA LEU A 181 4.10 17.23 -18.44
C LEU A 181 2.93 17.12 -17.45
N LEU A 182 2.03 18.11 -17.47
CA LEU A 182 0.89 18.11 -16.55
C LEU A 182 0.08 16.83 -16.64
N ALA A 183 -0.05 16.25 -17.82
CA ALA A 183 -0.88 15.04 -17.96
C ALA A 183 -0.30 13.81 -17.27
N ILE A 184 0.95 13.82 -16.80
CA ILE A 184 1.48 12.68 -16.07
C ILE A 184 1.96 13.07 -14.67
N ILE A 185 1.54 14.22 -14.16
CA ILE A 185 1.89 14.65 -12.80
C ILE A 185 0.60 14.73 -11.99
N LYS A 186 0.45 13.86 -10.99
CA LYS A 186 -0.72 13.97 -10.13
C LYS A 186 -0.49 15.03 -9.06
N LYS A 187 -1.59 15.62 -8.58
CA LYS A 187 -1.55 16.56 -7.46
C LYS A 187 -0.87 15.90 -6.26
N GLY A 188 -0.30 16.70 -5.37
CA GLY A 188 0.19 16.17 -4.10
C GLY A 188 1.37 16.96 -3.59
N SER A 189 2.29 16.24 -2.97
CA SER A 189 3.31 16.86 -2.14
C SER A 189 4.30 17.66 -2.97
N PRO A 190 4.61 18.90 -2.59
CA PRO A 190 5.75 19.62 -3.15
C PRO A 190 7.09 19.19 -2.58
N GLY A 191 7.10 18.22 -1.66
CA GLY A 191 8.37 17.75 -1.08
C GLY A 191 9.14 18.89 -0.42
N GLU A 192 10.44 18.97 -0.71
CA GLU A 192 11.30 20.01 -0.14
C GLU A 192 11.00 21.40 -0.70
N TYR A 193 10.14 21.53 -1.70
CA TYR A 193 9.82 22.84 -2.23
C TYR A 193 8.76 23.56 -1.40
N ARG A 194 8.15 22.86 -0.43
CA ARG A 194 7.21 23.51 0.46
C ARG A 194 7.87 24.65 1.22
N SER A 195 9.16 24.50 1.55
CA SER A 195 9.88 25.57 2.24
C SER A 195 9.99 26.83 1.38
N LEU A 196 9.87 26.70 0.06
CA LEU A 196 10.02 27.83 -0.85
C LEU A 196 8.68 28.40 -1.27
N GLY A 197 7.59 28.00 -0.63
CA GLY A 197 6.30 28.58 -0.89
C GLY A 197 5.36 27.72 -1.71
N ALA A 198 5.85 26.61 -2.27
CA ALA A 198 4.98 25.74 -3.06
C ALA A 198 4.06 24.95 -2.15
N GLU A 199 2.83 24.74 -2.60
CA GLU A 199 1.82 24.03 -1.83
C GLU A 199 1.41 22.71 -2.45
N ASP A 200 1.62 22.53 -3.75
CA ASP A 200 1.21 21.32 -4.43
C ASP A 200 2.19 21.03 -5.55
N ARG A 201 2.35 19.73 -5.84
CA ARG A 201 3.23 19.34 -6.92
C ARG A 201 2.81 19.96 -8.26
N ARG A 202 1.51 20.12 -8.49
CA ARG A 202 1.03 20.64 -9.77
C ARG A 202 1.04 22.16 -9.86
N ASP A 203 1.69 22.87 -8.94
CA ASP A 203 1.77 24.31 -9.02
C ASP A 203 2.64 24.73 -10.22
N PRO A 204 2.27 25.81 -10.91
CA PRO A 204 2.98 26.17 -12.15
C PRO A 204 4.48 26.40 -12.00
N ARG A 205 4.95 27.01 -10.90
CA ARG A 205 6.39 27.18 -10.75
C ARG A 205 7.10 25.85 -10.49
N LEU A 206 6.46 24.94 -9.75
CA LEU A 206 7.03 23.62 -9.57
C LEU A 206 7.05 22.85 -10.89
N ILE A 207 5.95 22.88 -11.63
CA ILE A 207 5.89 22.25 -12.95
C ILE A 207 6.99 22.80 -13.85
N ALA A 208 7.26 24.11 -13.80
CA ALA A 208 8.34 24.68 -14.60
C ALA A 208 9.68 24.11 -14.17
N THR A 209 9.90 24.00 -12.86
CA THR A 209 11.15 23.43 -12.34
C THR A 209 11.29 21.95 -12.71
N MET A 210 10.20 21.17 -12.59
CA MET A 210 10.27 19.77 -12.97
C MET A 210 10.56 19.62 -14.46
N SER A 211 9.97 20.49 -15.28
CA SER A 211 10.22 20.47 -16.72
C SER A 211 11.69 20.74 -17.03
N SER A 212 12.25 21.81 -16.48
CA SER A 212 13.67 22.09 -16.65
C SER A 212 14.54 20.91 -16.21
N SER A 213 14.18 20.25 -15.12
CA SER A 213 14.99 19.13 -14.63
C SER A 213 14.96 17.94 -15.60
N LEU A 214 14.00 17.87 -16.51
CA LEU A 214 13.92 16.84 -17.54
C LEU A 214 14.61 17.26 -18.83
N LEU A 215 14.40 18.51 -19.25
CA LEU A 215 14.99 18.99 -20.49
C LEU A 215 16.51 19.11 -20.39
N ARG A 216 17.07 19.24 -19.19
CA ARG A 216 18.52 19.29 -19.08
C ARG A 216 19.20 18.03 -19.59
N TYR A 217 18.48 16.88 -19.67
CA TYR A 217 19.13 15.67 -20.16
C TYR A 217 19.38 15.70 -21.68
N ALA A 218 18.68 16.55 -22.44
CA ALA A 218 18.81 16.55 -23.90
C ALA A 218 20.25 16.79 -24.33
N SER A 219 20.84 17.90 -23.87
CA SER A 219 22.20 18.21 -24.33
C SER A 219 23.22 17.26 -23.69
N ALA A 220 22.96 16.77 -22.48
CA ALA A 220 23.82 15.73 -21.91
C ALA A 220 23.84 14.51 -22.82
N GLY A 221 22.68 14.13 -23.36
CA GLY A 221 22.63 13.01 -24.27
C GLY A 221 23.30 13.27 -25.60
N VAL A 222 23.24 14.52 -26.09
CA VAL A 222 23.92 14.86 -27.34
C VAL A 222 25.41 14.57 -27.21
N GLN A 223 25.99 14.92 -26.07
CA GLN A 223 27.42 14.68 -25.86
C GLN A 223 27.74 13.20 -25.77
N VAL A 224 26.93 12.42 -25.06
CA VAL A 224 27.24 10.99 -24.91
C VAL A 224 27.09 10.27 -26.25
N ALA A 225 26.15 10.70 -27.09
CA ALA A 225 25.97 10.10 -28.41
C ALA A 225 27.11 10.46 -29.37
N ARG A 226 27.84 11.53 -29.07
CA ARG A 226 29.09 11.85 -29.75
C ARG A 226 30.30 11.15 -29.14
N GLY A 227 30.10 10.28 -28.16
CA GLY A 227 31.20 9.61 -27.49
C GLY A 227 31.89 10.40 -26.39
N ARG A 228 31.55 11.67 -26.19
CA ARG A 228 32.09 12.41 -25.06
C ARG A 228 31.54 11.85 -23.75
N PRO A 229 32.20 12.12 -22.64
CA PRO A 229 31.70 11.65 -21.34
C PRO A 229 30.49 12.46 -20.91
N PRO A 230 29.67 11.92 -20.01
CA PRO A 230 28.47 12.65 -19.59
C PRO A 230 28.84 13.84 -18.72
N PRO A 231 28.01 14.87 -18.69
CA PRO A 231 28.22 15.97 -17.72
C PRO A 231 28.27 15.45 -16.30
N GLY A 232 29.01 16.16 -15.44
CA GLY A 232 29.24 15.67 -14.10
C GLY A 232 27.97 15.54 -13.28
N TRP A 233 26.99 16.43 -13.49
CA TRP A 233 25.79 16.45 -12.66
C TRP A 233 24.96 15.17 -12.80
N VAL A 234 25.08 14.46 -13.92
CA VAL A 234 24.33 13.22 -14.12
C VAL A 234 24.60 12.23 -12.99
N ASP A 235 25.87 12.08 -12.58
CA ASP A 235 26.17 11.11 -11.55
C ASP A 235 26.05 11.66 -10.14
N THR A 236 25.94 12.98 -9.96
CA THR A 236 25.86 13.58 -8.63
C THR A 236 24.52 14.19 -8.27
N THR A 237 23.64 14.45 -9.24
CA THR A 237 22.38 15.13 -8.93
C THR A 237 21.56 14.30 -7.95
N THR A 238 21.18 14.92 -6.84
CA THR A 238 20.48 14.27 -5.74
C THR A 238 19.39 15.22 -5.24
N GLN A 239 18.32 14.65 -4.70
CA GLN A 239 17.28 15.43 -4.07
C GLN A 239 17.03 14.88 -2.66
N VAL A 240 16.68 15.78 -1.75
CA VAL A 240 16.43 15.35 -0.38
C VAL A 240 15.09 14.63 -0.31
N THR A 241 15.03 13.60 0.52
CA THR A 241 13.79 12.90 0.82
C THR A 241 13.43 13.20 2.26
N LEU A 242 12.18 13.61 2.49
CA LEU A 242 11.72 13.89 3.84
C LEU A 242 11.01 12.67 4.42
N THR A 243 10.92 12.65 5.74
CA THR A 243 10.32 11.52 6.45
C THR A 243 9.34 12.00 7.50
N PHE A 244 8.39 11.12 7.81
CA PHE A 244 7.42 11.33 8.85
C PHE A 244 6.80 9.98 9.21
N GLY A 245 6.14 9.95 10.37
CA GLY A 245 5.49 8.73 10.83
C GLY A 245 4.02 8.68 10.42
N LYS A 246 3.60 7.51 9.97
CA LYS A 246 2.23 7.30 9.52
C LYS A 246 1.22 7.47 10.65
N ARG A 247 0.17 8.25 10.40
CA ARG A 247 -0.96 8.39 11.29
C ARG A 247 -2.06 7.47 10.78
N GLU A 248 -2.39 6.44 11.55
CA GLU A 248 -3.34 5.44 11.08
C GLU A 248 -3.76 4.57 12.27
N PRO A 249 -4.88 3.84 12.14
CA PRO A 249 -5.16 2.74 13.05
C PRO A 249 -4.19 1.60 12.78
N LYS A 250 -3.66 1.01 13.83
CA LYS A 250 -2.80 -0.15 13.64
C LYS A 250 -2.95 -1.07 14.84
N ALA A 251 -3.16 -2.35 14.54
CA ALA A 251 -3.35 -3.35 15.57
C ALA A 251 -2.02 -3.67 16.23
N ALA A 252 -2.01 -3.74 17.56
CA ALA A 252 -0.88 -4.32 18.26
C ALA A 252 -0.86 -5.82 18.01
N LYS A 253 0.27 -6.46 18.33
CA LYS A 253 0.36 -7.92 18.27
C LYS A 253 0.93 -8.42 19.58
N ILE A 254 0.76 -9.72 19.82
CA ILE A 254 1.26 -10.37 21.03
C ILE A 254 2.47 -11.21 20.60
N VAL A 255 3.67 -10.73 20.92
CA VAL A 255 4.92 -11.39 20.54
C VAL A 255 5.57 -11.90 21.81
N ASP A 256 5.60 -13.23 21.98
CA ASP A 256 6.16 -13.88 23.16
C ASP A 256 5.48 -13.38 24.43
N GLY A 257 4.14 -13.39 24.41
CA GLY A 257 3.36 -12.95 25.55
C GLY A 257 3.05 -11.47 25.55
N VAL A 258 4.08 -10.62 25.56
CA VAL A 258 3.86 -9.19 25.69
C VAL A 258 3.05 -8.68 24.51
N ARG A 259 2.02 -7.88 24.81
CA ARG A 259 1.25 -7.16 23.80
C ARG A 259 2.03 -5.93 23.37
N GLN A 260 2.49 -5.90 22.12
CA GLN A 260 3.43 -4.88 21.65
C GLN A 260 2.67 -3.77 20.93
N ALA A 261 2.57 -2.60 21.56
CA ALA A 261 1.93 -1.45 20.94
C ALA A 261 2.61 -1.11 19.62
N PRO A 262 1.85 -0.68 18.59
CA PRO A 262 2.44 -0.53 17.26
C PRO A 262 3.40 0.66 17.19
N VAL A 263 4.47 0.46 16.43
CA VAL A 263 5.44 1.52 16.14
C VAL A 263 5.02 2.18 14.83
N PRO A 264 5.02 3.52 14.74
CA PRO A 264 4.56 4.17 13.50
C PRO A 264 5.39 3.79 12.28
N ARG A 265 4.71 3.53 11.18
CA ARG A 265 5.39 3.24 9.92
C ARG A 265 6.20 4.45 9.46
N PHE A 266 7.35 4.16 8.82
CA PHE A 266 8.27 5.19 8.36
C PHE A 266 7.93 5.56 6.92
N ILE A 267 7.51 6.80 6.70
CA ILE A 267 7.04 7.26 5.39
C ILE A 267 8.05 8.22 4.80
N PHE A 268 8.31 8.07 3.50
CA PHE A 268 9.23 8.94 2.76
C PHE A 268 8.43 9.86 1.85
N ASN A 269 8.81 11.13 1.83
CA ASN A 269 8.14 12.16 1.05
C ASN A 269 9.16 12.63 0.01
N LEU A 270 9.06 12.14 -1.21
CA LEU A 270 10.10 12.33 -2.20
C LEU A 270 9.93 13.63 -2.97
N SER A 271 11.02 14.04 -3.62
CA SER A 271 11.07 15.32 -4.27
C SER A 271 10.28 15.29 -5.59
N PRO A 272 9.53 16.36 -5.90
CA PRO A 272 8.85 16.44 -7.21
C PRO A 272 9.78 16.23 -8.39
N VAL A 273 11.06 16.60 -8.28
CA VAL A 273 12.01 16.40 -9.37
C VAL A 273 12.24 14.92 -9.63
N ASN A 274 12.33 14.12 -8.55
CA ASN A 274 12.45 12.68 -8.71
C ASN A 274 11.15 12.07 -9.22
N TYR A 275 10.02 12.56 -8.71
CA TYR A 275 8.72 12.13 -9.21
C TYR A 275 8.60 12.32 -10.72
N ALA A 276 9.02 13.49 -11.21
CA ALA A 276 8.83 13.81 -12.62
C ALA A 276 9.67 12.90 -13.51
N LEU A 277 10.89 12.60 -13.09
CA LEU A 277 11.75 11.68 -13.81
C LEU A 277 11.14 10.27 -13.86
N ALA A 278 10.70 9.75 -12.70
CA ALA A 278 10.10 8.43 -12.65
C ALA A 278 8.87 8.36 -13.54
N SER A 279 8.03 9.40 -13.50
CA SER A 279 6.80 9.36 -14.29
C SER A 279 7.09 9.50 -15.78
N PHE A 280 8.02 10.39 -16.16
CA PHE A 280 8.38 10.48 -17.56
C PHE A 280 8.83 9.13 -18.10
N LEU A 281 9.64 8.40 -17.33
CA LEU A 281 10.20 7.14 -17.82
C LEU A 281 9.15 6.02 -17.81
N HIS A 282 8.29 5.95 -16.79
CA HIS A 282 7.61 4.69 -16.53
C HIS A 282 6.13 4.80 -16.22
N TYR A 283 5.53 5.99 -16.34
CA TYR A 283 4.08 6.12 -16.19
C TYR A 283 3.33 5.16 -17.11
N ASP A 284 3.71 5.15 -18.40
CA ASP A 284 2.99 4.32 -19.37
C ASP A 284 3.10 2.83 -19.07
N ILE A 285 4.33 2.33 -18.80
CA ILE A 285 4.45 0.91 -18.51
C ILE A 285 3.67 0.55 -17.26
N SER A 286 3.61 1.45 -16.28
CA SER A 286 2.83 1.19 -15.08
C SER A 286 1.35 1.02 -15.43
N HIS A 287 0.82 1.94 -16.25
CA HIS A 287 -0.61 1.89 -16.56
C HIS A 287 -0.94 0.74 -17.48
N PHE A 288 0.00 0.32 -18.33
CA PHE A 288 -0.22 -0.90 -19.09
C PHE A 288 -0.35 -2.11 -18.18
N LEU A 289 0.50 -2.22 -17.15
CA LEU A 289 0.42 -3.39 -16.27
C LEU A 289 -0.87 -3.39 -15.47
N MET A 290 -1.28 -2.23 -14.96
CA MET A 290 -2.57 -2.15 -14.26
C MET A 290 -3.71 -2.63 -15.14
N ASP A 291 -3.67 -2.30 -16.45
CA ASP A 291 -4.81 -2.60 -17.31
C ASP A 291 -4.79 -4.02 -17.84
N ASN A 292 -3.61 -4.63 -17.98
CA ASN A 292 -3.47 -5.83 -18.79
C ASN A 292 -2.70 -6.96 -18.15
N ASP A 293 -1.91 -6.72 -17.10
CA ASP A 293 -1.07 -7.77 -16.54
C ASP A 293 -1.87 -8.47 -15.44
N PRO A 294 -2.23 -9.74 -15.61
CA PRO A 294 -3.05 -10.41 -14.58
C PRO A 294 -2.36 -10.62 -13.25
N THR A 295 -1.03 -10.52 -13.19
CA THR A 295 -0.32 -10.66 -11.93
C THR A 295 -0.15 -9.33 -11.20
N HIS A 296 -0.56 -8.22 -11.81
CA HIS A 296 -0.26 -6.89 -11.27
C HIS A 296 -1.47 -6.37 -10.50
N GLY A 297 -1.38 -6.40 -9.17
CA GLY A 297 -2.43 -5.96 -8.29
C GLY A 297 -2.92 -4.54 -8.45
N PRO A 298 -2.02 -3.55 -8.50
CA PRO A 298 -2.45 -2.15 -8.63
C PRO A 298 -3.47 -1.99 -9.75
N GLY A 299 -4.52 -1.24 -9.46
CA GLY A 299 -5.73 -1.25 -10.25
C GLY A 299 -6.87 -1.98 -9.56
N PHE A 300 -6.57 -2.73 -8.50
CA PHE A 300 -7.58 -3.48 -7.78
C PHE A 300 -8.41 -2.56 -6.87
N GLY A 301 -9.69 -2.92 -6.72
CA GLY A 301 -10.54 -2.38 -5.69
C GLY A 301 -11.64 -3.37 -5.35
N PRO A 302 -12.24 -3.25 -4.16
CA PRO A 302 -13.19 -4.28 -3.72
C PRO A 302 -14.58 -4.21 -4.36
N GLY A 303 -15.06 -3.02 -4.75
CA GLY A 303 -16.36 -2.88 -5.35
C GLY A 303 -16.33 -2.58 -6.85
N ARG A 304 -17.53 -2.48 -7.42
CA ARG A 304 -17.74 -1.93 -8.77
C ARG A 304 -16.96 -2.69 -9.84
N GLY A 305 -16.84 -4.01 -9.67
CA GLY A 305 -16.20 -4.84 -10.68
C GLY A 305 -14.69 -4.80 -10.68
N ARG A 306 -14.08 -4.15 -9.70
CA ARG A 306 -12.65 -3.88 -9.71
C ARG A 306 -11.82 -5.00 -9.08
N ALA A 307 -12.44 -6.08 -8.63
CA ALA A 307 -11.75 -7.21 -8.05
C ALA A 307 -11.55 -8.36 -9.04
N ARG A 308 -11.67 -8.08 -10.33
CA ARG A 308 -11.72 -9.12 -11.35
C ARG A 308 -10.44 -9.95 -11.44
N LYS A 309 -9.27 -9.34 -11.18
CA LYS A 309 -8.03 -10.12 -11.24
C LYS A 309 -7.96 -11.12 -10.08
N PHE A 310 -8.49 -10.73 -8.93
CA PHE A 310 -8.63 -11.64 -7.80
C PHE A 310 -9.60 -12.76 -8.12
N MET A 311 -10.79 -12.40 -8.61
CA MET A 311 -11.82 -13.40 -8.87
C MET A 311 -11.43 -14.34 -9.99
N ASP A 312 -10.74 -13.84 -11.02
CA ASP A 312 -10.30 -14.74 -12.08
C ASP A 312 -9.30 -15.78 -11.54
N LEU A 313 -8.41 -15.38 -10.64
CA LEU A 313 -7.45 -16.34 -10.09
C LEU A 313 -8.17 -17.41 -9.28
N VAL A 314 -9.08 -16.99 -8.41
CA VAL A 314 -9.83 -17.92 -7.58
C VAL A 314 -10.62 -18.89 -8.46
N GLU A 315 -11.32 -18.37 -9.47
CA GLU A 315 -12.20 -19.23 -10.27
C GLU A 315 -11.40 -20.23 -11.10
N ARG A 316 -10.18 -19.89 -11.50
CA ARG A 316 -9.34 -20.89 -12.14
C ARG A 316 -8.92 -21.99 -11.18
N ALA A 317 -8.83 -21.68 -9.89
CA ALA A 317 -8.37 -22.64 -8.89
C ALA A 317 -9.49 -23.49 -8.29
N PHE A 318 -10.70 -22.93 -8.14
CA PHE A 318 -11.81 -23.61 -7.48
C PHE A 318 -12.90 -24.10 -8.42
N ASP A 319 -13.06 -23.47 -9.57
CA ASP A 319 -14.06 -23.82 -10.60
C ASP A 319 -15.43 -24.15 -9.99
N GLY A 320 -15.95 -23.18 -9.24
CA GLY A 320 -17.29 -23.29 -8.72
C GLY A 320 -17.42 -23.94 -7.36
N ARG A 321 -16.37 -24.56 -6.84
CA ARG A 321 -16.50 -25.29 -5.59
C ARG A 321 -16.02 -24.44 -4.42
N PHE A 322 -16.22 -24.98 -3.21
CA PHE A 322 -15.80 -24.35 -1.97
C PHE A 322 -14.44 -24.83 -1.50
N SER A 323 -13.93 -25.91 -2.10
CA SER A 323 -12.60 -26.41 -1.87
C SER A 323 -12.03 -26.73 -3.24
N THR A 324 -10.71 -26.63 -3.39
CA THR A 324 -10.14 -26.81 -4.71
C THR A 324 -10.46 -28.22 -5.22
N PRO A 325 -10.86 -28.37 -6.48
CA PRO A 325 -11.23 -29.71 -6.99
C PRO A 325 -10.10 -30.73 -6.90
N ASP A 326 -8.90 -30.40 -7.38
CA ASP A 326 -7.74 -31.20 -7.05
C ASP A 326 -7.35 -30.88 -5.60
N GLY A 327 -6.16 -31.27 -5.20
CA GLY A 327 -5.70 -30.84 -3.89
C GLY A 327 -4.83 -29.60 -3.91
N ALA A 328 -4.69 -28.96 -5.07
CA ALA A 328 -3.76 -27.84 -5.23
C ALA A 328 -4.07 -26.74 -4.22
N ARG A 329 -3.05 -26.29 -3.52
CA ARG A 329 -3.27 -25.31 -2.48
C ARG A 329 -3.18 -23.89 -3.04
N LEU A 330 -3.54 -22.93 -2.19
CA LEU A 330 -3.35 -21.52 -2.48
C LEU A 330 -2.46 -20.92 -1.39
N ILE A 331 -1.51 -20.09 -1.80
CA ILE A 331 -0.49 -19.60 -0.88
C ILE A 331 -0.60 -18.08 -0.80
N MET A 332 -0.63 -17.57 0.42
CA MET A 332 -0.67 -16.14 0.67
C MET A 332 0.58 -15.75 1.45
N SER A 333 1.58 -15.24 0.74
CA SER A 333 2.91 -15.03 1.30
C SER A 333 2.84 -13.96 2.39
N ASP A 334 3.44 -14.26 3.54
CA ASP A 334 3.50 -13.32 4.67
C ASP A 334 4.94 -12.90 4.93
N ILE A 335 5.33 -11.73 4.43
CA ILE A 335 6.72 -11.27 4.47
C ILE A 335 6.83 -10.15 5.51
N THR A 336 7.85 -10.23 6.35
CA THR A 336 8.09 -9.26 7.42
C THR A 336 8.67 -7.96 6.86
N LYS A 337 7.93 -6.86 7.02
CA LYS A 337 8.44 -5.50 6.82
C LYS A 337 9.13 -5.34 5.46
N TRP A 338 8.31 -5.45 4.42
CA TRP A 338 8.82 -5.55 3.06
C TRP A 338 9.68 -4.34 2.69
N ASP A 339 9.20 -3.15 3.00
CA ASP A 339 9.87 -1.95 2.51
C ASP A 339 11.22 -1.77 3.18
N ALA A 340 11.32 -2.08 4.47
CA ALA A 340 12.60 -1.94 5.15
C ALA A 340 13.63 -2.93 4.66
N ASN A 341 13.20 -4.06 4.10
CA ASN A 341 14.08 -5.17 3.78
C ASN A 341 14.25 -5.43 2.29
N MET A 342 13.61 -4.66 1.41
CA MET A 342 13.79 -4.88 -0.02
C MET A 342 15.20 -4.45 -0.41
N CYS A 343 16.02 -5.39 -0.85
CA CYS A 343 17.42 -5.04 -0.99
C CYS A 343 17.71 -4.45 -2.37
N GLU A 344 18.94 -3.92 -2.53
CA GLU A 344 19.35 -3.36 -3.81
C GLU A 344 19.25 -4.39 -4.94
N ALA A 345 19.60 -5.65 -4.65
CA ALA A 345 19.59 -6.67 -5.70
C ALA A 345 18.20 -6.85 -6.29
N LEU A 346 17.17 -6.91 -5.42
CA LEU A 346 15.79 -7.13 -5.90
C LEU A 346 15.24 -5.88 -6.59
N ILE A 347 15.58 -4.69 -6.10
CA ILE A 347 15.14 -3.47 -6.76
C ILE A 347 15.69 -3.40 -8.18
N LYS A 348 16.96 -3.76 -8.37
CA LYS A 348 17.55 -3.74 -9.70
C LYS A 348 16.81 -4.67 -10.67
N TYR A 349 16.55 -5.92 -10.26
CA TYR A 349 15.86 -6.83 -11.18
C TYR A 349 14.51 -6.28 -11.59
N SER A 350 13.84 -5.62 -10.65
CA SER A 350 12.47 -5.16 -10.85
C SER A 350 12.43 -3.98 -11.81
N ILE A 351 13.14 -2.90 -11.46
CA ILE A 351 13.09 -1.71 -12.30
C ILE A 351 13.74 -1.98 -13.65
N ASP A 352 14.79 -2.81 -13.70
CA ASP A 352 15.39 -3.16 -15.00
C ASP A 352 14.39 -3.86 -15.90
N LEU A 353 13.60 -4.77 -15.33
CA LEU A 353 12.57 -5.44 -16.13
C LEU A 353 11.54 -4.43 -16.65
N LEU A 354 11.15 -3.46 -15.81
CA LEU A 354 10.19 -2.44 -16.23
C LEU A 354 10.75 -1.57 -17.35
N GLU A 355 12.01 -1.12 -17.20
CA GLU A 355 12.62 -0.30 -18.26
C GLU A 355 12.76 -1.07 -19.55
N ASP A 356 13.04 -2.39 -19.46
CA ASP A 356 13.18 -3.21 -20.66
C ASP A 356 11.88 -3.34 -21.43
N ALA A 357 10.73 -3.27 -20.75
CA ALA A 357 9.46 -3.41 -21.46
C ALA A 357 9.12 -2.16 -22.27
N VAL A 358 9.87 -1.07 -22.11
CA VAL A 358 9.58 0.16 -22.84
C VAL A 358 10.35 0.11 -24.16
N ASP A 359 9.63 0.27 -25.27
CA ASP A 359 10.20 0.17 -26.62
C ASP A 359 10.93 1.47 -26.99
N LYS A 360 12.25 1.38 -27.17
CA LYS A 360 13.11 2.50 -27.51
C LYS A 360 13.53 2.52 -28.99
N SER A 361 12.99 1.60 -29.81
CA SER A 361 13.57 1.37 -31.13
C SER A 361 13.42 2.57 -32.06
N ALA A 362 12.44 3.44 -31.82
CA ALA A 362 12.26 4.62 -32.66
C ALA A 362 13.12 5.80 -32.24
N LEU A 363 13.89 5.68 -31.15
CA LEU A 363 14.69 6.79 -30.67
C LEU A 363 15.93 6.99 -31.54
N SER A 364 16.28 8.26 -31.76
CA SER A 364 17.53 8.62 -32.41
C SER A 364 18.70 8.23 -31.50
N PRO A 365 19.94 8.33 -31.99
CA PRO A 365 21.08 8.05 -31.09
C PRO A 365 21.18 9.04 -29.92
N GLU A 366 20.92 10.31 -30.18
CA GLU A 366 20.83 11.30 -29.10
C GLU A 366 19.64 10.98 -28.18
N GLY A 367 18.47 10.72 -28.75
CA GLY A 367 17.32 10.37 -27.93
C GLY A 367 17.57 9.16 -27.06
N LEU A 368 18.21 8.14 -27.63
CA LEU A 368 18.51 6.93 -26.87
C LEU A 368 19.51 7.22 -25.75
N ALA A 369 20.53 8.01 -26.03
CA ALA A 369 21.50 8.32 -24.99
C ALA A 369 20.85 9.16 -23.90
N THR A 370 19.96 10.07 -24.28
CA THR A 370 19.24 10.89 -23.31
C THR A 370 18.37 10.05 -22.39
N ARG A 371 17.64 9.09 -22.95
CA ARG A 371 16.83 8.22 -22.10
C ARG A 371 17.73 7.36 -21.24
N GLY A 372 18.90 6.96 -21.75
CA GLY A 372 19.83 6.19 -20.94
C GLY A 372 20.34 6.97 -19.74
N LEU A 373 20.61 8.27 -19.91
CA LEU A 373 21.05 9.07 -18.77
C LEU A 373 19.91 9.29 -17.77
N MET A 374 18.68 9.48 -18.27
CA MET A 374 17.54 9.64 -17.36
C MET A 374 17.31 8.39 -16.53
N TYR A 375 17.32 7.23 -17.19
CA TYR A 375 17.16 5.95 -16.51
C TYR A 375 18.28 5.73 -15.51
N ARG A 376 19.53 5.99 -15.93
CA ARG A 376 20.67 5.89 -15.01
C ARG A 376 20.39 6.65 -13.71
N VAL A 377 19.88 7.89 -13.80
CA VAL A 377 19.64 8.70 -12.61
C VAL A 377 18.48 8.13 -11.78
N ALA A 378 17.38 7.74 -12.45
CA ALA A 378 16.22 7.22 -11.72
C ALA A 378 16.57 5.93 -11.00
N ARG A 379 17.35 5.07 -11.64
CA ARG A 379 17.79 3.84 -11.01
C ARG A 379 18.64 4.14 -9.79
N ARG A 380 19.65 5.01 -9.94
CA ARG A 380 20.53 5.31 -8.81
C ARG A 380 19.76 5.95 -7.68
N GLN A 381 18.77 6.79 -8.00
CA GLN A 381 18.04 7.50 -6.96
C GLN A 381 17.03 6.62 -6.26
N LEU A 382 16.55 5.57 -6.92
CA LEU A 382 15.73 4.59 -6.23
C LEU A 382 16.58 3.76 -5.28
N LEU A 383 17.86 3.57 -5.62
CA LEU A 383 18.72 2.68 -4.85
C LEU A 383 19.38 3.37 -3.66
N GLU A 384 19.80 4.63 -3.83
CA GLU A 384 20.55 5.38 -2.83
C GLU A 384 19.84 6.68 -2.57
N LYS A 385 19.43 6.90 -1.33
CA LYS A 385 18.61 8.04 -0.96
C LYS A 385 19.37 8.94 0.02
N LEU A 386 19.09 10.23 -0.07
CA LEU A 386 19.50 11.20 0.94
C LEU A 386 18.25 11.59 1.71
N VAL A 387 18.20 11.21 2.98
CA VAL A 387 16.96 11.16 3.75
C VAL A 387 17.14 11.99 5.01
N GLU A 388 16.19 12.90 5.28
CA GLU A 388 16.23 13.59 6.56
C GLU A 388 15.57 12.70 7.61
N HIS A 389 16.40 12.11 8.46
CA HIS A 389 15.99 11.31 9.60
C HIS A 389 15.24 12.17 10.62
N PRO A 390 14.31 11.59 11.39
CA PRO A 390 13.58 12.38 12.40
C PRO A 390 14.46 13.05 13.44
N ALA A 391 15.75 12.73 13.50
CA ALA A 391 16.64 13.51 14.32
C ALA A 391 16.75 14.95 13.82
N GLY A 392 16.45 15.19 12.55
CA GLY A 392 16.69 16.47 11.92
C GLY A 392 17.96 16.57 11.11
N TYR A 393 18.56 15.44 10.72
CA TYR A 393 19.82 15.41 10.00
C TYR A 393 19.70 14.43 8.85
N PHE A 394 20.54 14.67 7.84
CA PHE A 394 20.56 13.84 6.64
C PHE A 394 21.34 12.55 6.87
N VAL A 395 20.79 11.45 6.36
CA VAL A 395 21.47 10.17 6.33
C VAL A 395 21.39 9.60 4.91
N LYS A 396 22.28 8.68 4.60
CA LYS A 396 22.29 8.02 3.30
C LYS A 396 21.71 6.62 3.48
N LEU A 397 20.80 6.22 2.60
CA LEU A 397 20.13 4.94 2.73
C LEU A 397 20.32 4.16 1.43
N TYR A 398 20.94 3.00 1.53
CA TYR A 398 21.22 2.14 0.37
C TYR A 398 20.23 1.00 0.38
N GLY A 399 19.51 0.83 -0.72
CA GLY A 399 18.42 -0.12 -0.75
C GLY A 399 17.28 0.31 0.16
N CYS A 400 16.40 -0.66 0.44
CA CYS A 400 15.07 -0.46 1.04
C CYS A 400 14.18 0.27 0.04
N MET A 401 12.90 -0.07 0.00
CA MET A 401 11.98 0.71 -0.82
C MET A 401 11.55 1.96 -0.07
N PRO A 402 11.84 3.17 -0.59
CA PRO A 402 11.37 4.39 0.09
C PRO A 402 9.88 4.64 -0.12
N SER A 403 9.09 3.90 0.65
CA SER A 403 7.62 4.01 0.71
C SER A 403 7.13 5.44 0.56
N GLY A 404 6.52 5.77 -0.57
CA GLY A 404 6.22 7.15 -0.89
C GLY A 404 6.87 7.61 -2.16
N SER A 405 7.68 6.78 -2.80
CA SER A 405 8.19 7.09 -4.12
C SER A 405 7.10 6.78 -5.14
N PHE A 406 7.20 7.45 -6.29
CA PHE A 406 6.41 7.05 -7.45
C PHE A 406 6.48 5.55 -7.72
N TYR A 407 7.60 4.93 -7.41
CA TYR A 407 7.79 3.53 -7.76
C TYR A 407 7.23 2.54 -6.73
N THR A 408 6.68 3.03 -5.60
CA THR A 408 6.46 2.14 -4.45
C THR A 408 5.61 0.92 -4.81
N SER A 409 4.36 1.14 -5.24
CA SER A 409 3.50 0.01 -5.59
C SER A 409 4.03 -0.72 -6.82
N LEU A 410 4.50 0.03 -7.82
CA LEU A 410 4.94 -0.55 -9.07
C LEU A 410 6.12 -1.50 -8.86
N VAL A 411 7.16 -1.05 -8.14
CA VAL A 411 8.38 -1.83 -8.01
C VAL A 411 8.21 -2.93 -6.97
N ASN A 412 7.49 -2.65 -5.87
CA ASN A 412 7.21 -3.70 -4.88
C ASN A 412 6.43 -4.85 -5.51
N THR A 413 5.42 -4.53 -6.32
CA THR A 413 4.62 -5.56 -6.96
C THR A 413 5.47 -6.37 -7.94
N THR A 414 6.23 -5.69 -8.80
CA THR A 414 7.09 -6.39 -9.74
C THR A 414 8.10 -7.28 -9.03
N GLY A 415 8.67 -6.78 -7.93
CA GLY A 415 9.69 -7.54 -7.21
C GLY A 415 9.13 -8.78 -6.52
N ASN A 416 7.94 -8.65 -5.91
CA ASN A 416 7.34 -9.81 -5.26
C ASN A 416 6.96 -10.87 -6.28
N ASN A 417 6.47 -10.46 -7.44
CA ASN A 417 6.19 -11.42 -8.50
C ASN A 417 7.47 -12.11 -8.97
N LEU A 418 8.55 -11.35 -9.14
CA LEU A 418 9.81 -11.92 -9.59
C LEU A 418 10.37 -12.89 -8.55
N LEU A 419 10.09 -12.65 -7.28
CA LEU A 419 10.60 -13.54 -6.24
C LEU A 419 10.03 -14.93 -6.39
N VAL A 420 8.71 -15.04 -6.55
CA VAL A 420 8.10 -16.37 -6.52
C VAL A 420 8.44 -17.12 -7.80
N ILE A 421 8.44 -16.42 -8.94
CA ILE A 421 8.79 -17.06 -10.20
C ILE A 421 10.28 -17.41 -10.22
N GLY A 422 11.14 -16.52 -9.71
CA GLY A 422 12.55 -16.86 -9.61
C GLY A 422 12.81 -18.05 -8.69
N HIS A 423 12.11 -18.09 -7.56
CA HIS A 423 12.19 -19.23 -6.66
C HIS A 423 11.77 -20.51 -7.37
N ALA A 424 10.60 -20.49 -8.04
CA ALA A 424 10.13 -21.66 -8.75
C ALA A 424 11.17 -22.14 -9.74
N ILE A 425 11.71 -21.22 -10.54
CA ILE A 425 12.73 -21.61 -11.52
C ILE A 425 13.95 -22.17 -10.82
N ALA A 426 14.33 -21.58 -9.68
CA ALA A 426 15.52 -22.03 -8.97
C ALA A 426 15.36 -23.47 -8.48
N ARG A 427 14.18 -23.79 -7.93
CA ARG A 427 13.91 -25.15 -7.52
C ARG A 427 13.89 -26.12 -8.69
N ALA A 428 13.36 -25.70 -9.83
CA ALA A 428 13.22 -26.62 -10.95
C ALA A 428 14.58 -27.04 -11.49
N VAL A 429 15.54 -26.10 -11.53
CA VAL A 429 16.85 -26.39 -12.09
C VAL A 429 17.65 -27.29 -11.16
N GLU A 430 17.48 -27.07 -9.86
CA GLU A 430 18.17 -27.84 -8.84
C GLU A 430 17.61 -29.24 -8.68
N GLU A 431 16.28 -29.35 -8.68
CA GLU A 431 15.59 -30.56 -8.27
C GLU A 431 15.17 -31.46 -9.44
N THR A 432 14.96 -30.89 -10.61
CA THR A 432 14.49 -31.65 -11.75
C THR A 432 15.49 -31.47 -12.89
N SER A 433 15.13 -32.02 -14.05
CA SER A 433 15.97 -31.94 -15.24
C SER A 433 15.60 -30.77 -16.15
N LEU A 434 14.69 -29.91 -15.71
CA LEU A 434 14.41 -28.69 -16.47
C LEU A 434 15.61 -27.76 -16.48
N THR A 435 15.81 -27.09 -17.60
CA THR A 435 16.77 -25.99 -17.67
C THR A 435 16.09 -24.70 -17.25
N HIS A 436 16.89 -23.64 -17.11
CA HIS A 436 16.32 -22.31 -16.87
C HIS A 436 15.32 -21.96 -17.98
N HIS A 437 15.73 -22.15 -19.23
CA HIS A 437 14.85 -21.86 -20.36
C HIS A 437 13.59 -22.71 -20.32
N GLY A 438 13.73 -24.00 -19.99
CA GLY A 438 12.59 -24.88 -20.02
C GLY A 438 11.59 -24.56 -18.92
N ALA A 439 12.07 -24.32 -17.70
CA ALA A 439 11.19 -23.89 -16.62
C ALA A 439 10.50 -22.57 -16.96
N ALA A 440 11.24 -21.62 -17.55
CA ALA A 440 10.68 -20.32 -17.91
C ALA A 440 9.51 -20.46 -18.88
N GLU A 441 9.66 -21.30 -19.91
CA GLU A 441 8.60 -21.42 -20.91
C GLU A 441 7.35 -22.07 -20.32
N LEU A 442 7.52 -22.97 -19.36
CA LEU A 442 6.37 -23.52 -18.63
C LEU A 442 5.70 -22.44 -17.79
N LEU A 443 6.49 -21.68 -17.04
CA LEU A 443 5.92 -20.69 -16.14
C LEU A 443 5.28 -19.54 -16.90
N ALA A 444 5.79 -19.20 -18.08
CA ALA A 444 5.20 -18.12 -18.87
C ALA A 444 3.76 -18.42 -19.23
N ASP A 445 3.46 -19.69 -19.55
CA ASP A 445 2.08 -20.10 -19.79
C ASP A 445 1.27 -20.21 -18.51
N ALA A 446 1.84 -20.82 -17.47
CA ALA A 446 1.09 -21.09 -16.26
C ALA A 446 0.89 -19.85 -15.37
N VAL A 447 1.68 -18.79 -15.55
CA VAL A 447 1.57 -17.67 -14.62
C VAL A 447 0.32 -16.83 -14.87
N ASP A 448 -0.22 -16.90 -16.08
CA ASP A 448 -1.43 -16.17 -16.42
C ASP A 448 -2.64 -16.79 -15.73
N GLY A 449 -3.02 -16.25 -14.58
CA GLY A 449 -4.17 -16.77 -13.85
C GLY A 449 -3.82 -17.49 -12.55
N THR A 450 -2.54 -17.58 -12.21
CA THR A 450 -2.14 -18.33 -11.02
C THR A 450 -1.41 -17.50 -9.98
N LEU A 451 -1.24 -16.20 -10.22
CA LEU A 451 -0.40 -15.38 -9.35
C LEU A 451 -0.86 -13.93 -9.39
N ILE A 452 -0.96 -13.34 -8.22
CA ILE A 452 -1.18 -11.90 -8.15
C ILE A 452 -0.50 -11.36 -6.89
N SER A 453 0.15 -10.21 -7.03
CA SER A 453 0.76 -9.51 -5.93
C SER A 453 0.28 -8.06 -5.94
N TYR A 454 0.20 -7.46 -4.76
CA TYR A 454 0.00 -6.02 -4.57
C TYR A 454 1.05 -5.58 -3.56
N GLY A 455 2.21 -5.14 -4.05
CA GLY A 455 3.34 -4.97 -3.16
C GLY A 455 3.67 -6.29 -2.47
N ASP A 456 3.83 -6.25 -1.14
CA ASP A 456 4.20 -7.46 -0.40
C ASP A 456 3.03 -8.43 -0.19
N ASN A 457 1.81 -8.01 -0.49
CA ASN A 457 0.65 -8.88 -0.41
C ASN A 457 0.59 -9.75 -1.66
N GLN A 458 0.54 -11.06 -1.46
CA GLN A 458 0.69 -12.00 -2.56
C GLN A 458 -0.28 -13.16 -2.40
N LEU A 459 -0.79 -13.66 -3.53
CA LEU A 459 -1.65 -14.83 -3.59
C LEU A 459 -1.30 -15.64 -4.83
N PHE A 460 -1.01 -16.93 -4.68
CA PHE A 460 -0.76 -17.71 -5.87
C PHE A 460 -1.25 -19.15 -5.69
N SER A 461 -1.56 -19.76 -6.82
CA SER A 461 -1.95 -21.16 -6.90
C SER A 461 -0.71 -22.06 -6.98
N GLU A 462 -0.78 -23.21 -6.29
CA GLU A 462 0.25 -24.23 -6.37
C GLU A 462 0.45 -24.76 -7.80
N HIS A 463 -0.44 -24.41 -8.74
CA HIS A 463 -0.24 -24.85 -10.12
C HIS A 463 1.06 -24.30 -10.72
N LEU A 464 1.58 -23.18 -10.20
CA LEU A 464 2.89 -22.68 -10.63
C LEU A 464 3.97 -23.73 -10.40
N PHE A 465 3.88 -24.46 -9.29
CA PHE A 465 4.82 -25.52 -9.01
C PHE A 465 4.42 -26.84 -9.63
N SER A 466 3.11 -27.12 -9.76
CA SER A 466 2.64 -28.34 -10.41
C SER A 466 3.24 -28.52 -11.80
N VAL A 467 3.15 -27.48 -12.65
CA VAL A 467 3.62 -27.64 -14.04
C VAL A 467 5.12 -27.84 -14.13
N LEU A 468 5.84 -27.63 -13.05
CA LEU A 468 7.26 -27.98 -13.01
C LEU A 468 7.47 -29.36 -12.43
N GLY A 469 6.39 -30.07 -12.10
CA GLY A 469 6.50 -31.34 -11.43
C GLY A 469 6.93 -31.22 -9.98
N LEU A 470 6.52 -30.14 -9.31
CA LEU A 470 6.95 -29.86 -7.96
C LEU A 470 5.74 -29.58 -7.09
N ALA A 471 5.94 -29.64 -5.77
CA ALA A 471 4.94 -29.24 -4.80
C ALA A 471 5.46 -28.06 -3.98
N TYR A 472 4.58 -27.14 -3.65
CA TYR A 472 4.99 -25.98 -2.87
C TYR A 472 5.57 -26.42 -1.53
N ASP A 473 6.61 -25.70 -1.08
CA ASP A 473 7.35 -25.98 0.14
C ASP A 473 7.73 -24.65 0.77
N PRO A 474 7.06 -24.27 1.86
CA PRO A 474 7.30 -22.94 2.45
C PRO A 474 8.72 -22.73 2.95
N GLU A 475 9.40 -23.77 3.44
N GLU A 475 9.39 -23.77 3.44
CA GLU A 475 10.77 -23.56 3.94
CA GLU A 475 10.76 -23.59 3.93
C GLU A 475 11.74 -23.28 2.81
C GLU A 475 11.72 -23.26 2.79
N LYS A 476 11.54 -23.89 1.64
CA LYS A 476 12.37 -23.57 0.50
C LYS A 476 12.04 -22.19 -0.04
N HIS A 477 10.76 -21.79 0.04
CA HIS A 477 10.33 -20.44 -0.31
C HIS A 477 10.96 -19.42 0.64
N ALA A 478 10.93 -19.70 1.94
CA ALA A 478 11.57 -18.78 2.88
C ALA A 478 13.08 -18.71 2.67
N GLU A 479 13.70 -19.84 2.32
CA GLU A 479 15.15 -19.84 2.13
C GLU A 479 15.53 -19.04 0.89
N PHE A 480 14.71 -19.11 -0.16
CA PHE A 480 14.98 -18.28 -1.32
C PHE A 480 14.88 -16.80 -0.97
N LEU A 481 13.82 -16.41 -0.26
CA LEU A 481 13.68 -15.01 0.13
C LEU A 481 14.84 -14.57 1.00
N ALA A 482 15.36 -15.46 1.86
CA ALA A 482 16.46 -15.08 2.73
C ALA A 482 17.73 -14.75 1.95
N ARG A 483 17.87 -15.25 0.71
CA ARG A 483 18.99 -14.83 -0.11
C ARG A 483 18.94 -13.33 -0.43
N PHE A 484 17.75 -12.73 -0.35
CA PHE A 484 17.59 -11.30 -0.57
C PHE A 484 17.41 -10.53 0.73
N GLY A 485 17.67 -11.18 1.87
CA GLY A 485 17.52 -10.52 3.15
C GLY A 485 16.09 -10.35 3.63
N MET A 486 15.15 -11.13 3.11
CA MET A 486 13.74 -11.01 3.45
C MET A 486 13.26 -12.21 4.25
N LYS A 487 12.39 -11.97 5.23
CA LYS A 487 11.94 -13.00 6.15
C LYS A 487 10.49 -13.37 5.84
N LEU A 488 10.31 -14.52 5.20
CA LEU A 488 8.98 -15.10 5.04
C LEU A 488 8.58 -15.76 6.34
N LYS A 489 7.51 -15.26 6.98
CA LYS A 489 7.00 -15.87 8.20
C LYS A 489 6.22 -17.13 7.83
N VAL A 490 6.85 -18.29 8.09
CA VAL A 490 6.30 -19.57 7.62
C VAL A 490 5.04 -19.95 8.38
N ASP A 491 5.00 -19.67 9.70
CA ASP A 491 3.81 -20.03 10.46
C ASP A 491 2.67 -19.03 10.31
N GLU A 492 2.84 -17.94 9.55
CA GLU A 492 1.76 -17.00 9.26
C GLU A 492 1.38 -16.95 7.80
N THR A 493 2.01 -17.75 6.97
CA THR A 493 1.71 -17.80 5.55
C THR A 493 0.60 -18.83 5.37
N GLU A 494 -0.60 -18.37 5.06
CA GLU A 494 -1.71 -19.29 4.90
C GLU A 494 -1.52 -20.15 3.66
N VAL A 495 -1.65 -21.46 3.84
CA VAL A 495 -1.69 -22.43 2.76
C VAL A 495 -2.95 -23.24 2.95
N THR A 496 -3.81 -23.28 1.92
CA THR A 496 -5.12 -23.91 2.11
C THR A 496 -5.68 -24.33 0.76
N VAL A 497 -6.75 -25.14 0.83
CA VAL A 497 -7.57 -25.53 -0.30
C VAL A 497 -8.95 -24.90 -0.23
N LYS A 498 -9.23 -24.15 0.81
CA LYS A 498 -10.57 -23.66 1.11
C LYS A 498 -10.74 -22.18 0.77
N LEU A 499 -11.78 -21.90 -0.05
CA LEU A 499 -12.19 -20.54 -0.37
C LEU A 499 -12.32 -19.65 0.86
N GLY A 500 -12.72 -20.22 1.99
CA GLY A 500 -12.94 -19.40 3.17
C GLY A 500 -11.70 -18.84 3.80
N ARG A 501 -10.53 -19.38 3.47
CA ARG A 501 -9.28 -18.86 4.00
C ARG A 501 -8.48 -18.09 2.96
N VAL A 502 -8.96 -18.01 1.72
CA VAL A 502 -8.27 -17.25 0.68
C VAL A 502 -8.49 -15.76 0.90
N ARG A 503 -7.39 -15.00 0.94
CA ARG A 503 -7.42 -13.56 1.11
C ARG A 503 -6.60 -12.87 0.01
N PHE A 504 -6.96 -11.63 -0.29
CA PHE A 504 -6.14 -10.77 -1.14
C PHE A 504 -6.48 -9.33 -0.77
N CYS A 505 -5.46 -8.51 -0.51
CA CYS A 505 -5.64 -7.12 -0.08
C CYS A 505 -6.75 -6.99 0.96
N SER A 506 -6.68 -7.86 1.98
CA SER A 506 -7.58 -7.84 3.13
C SER A 506 -9.02 -8.19 2.76
N ARG A 507 -9.25 -8.75 1.58
CA ARG A 507 -10.58 -9.07 1.10
C ARG A 507 -10.72 -10.58 1.02
N SER A 508 -11.89 -11.08 1.40
CA SER A 508 -12.29 -12.48 1.19
C SER A 508 -13.32 -12.52 0.07
N LEU A 509 -13.54 -13.74 -0.44
CA LEU A 509 -14.58 -14.02 -1.41
C LEU A 509 -15.54 -15.04 -0.83
N VAL A 510 -16.83 -14.69 -0.76
CA VAL A 510 -17.89 -15.62 -0.37
C VAL A 510 -18.60 -16.07 -1.63
N ARG A 511 -18.68 -17.39 -1.82
CA ARG A 511 -19.46 -17.95 -2.92
C ARG A 511 -20.90 -18.13 -2.45
N THR A 512 -21.80 -17.30 -2.95
CA THR A 512 -23.24 -17.47 -2.73
C THR A 512 -23.80 -18.38 -3.81
N PRO A 513 -25.08 -18.78 -3.68
CA PRO A 513 -25.71 -19.56 -4.76
C PRO A 513 -25.78 -18.82 -6.10
N HIS A 514 -25.61 -17.50 -6.13
CA HIS A 514 -25.67 -16.75 -7.39
C HIS A 514 -24.33 -16.11 -7.75
N GLY A 515 -23.24 -16.52 -7.13
CA GLY A 515 -21.92 -16.09 -7.53
C GLY A 515 -21.13 -15.51 -6.38
N LEU A 516 -19.89 -15.12 -6.71
CA LEU A 516 -18.94 -14.65 -5.72
C LEU A 516 -19.27 -13.24 -5.24
N LEU A 517 -18.85 -12.94 -4.01
CA LEU A 517 -19.16 -11.67 -3.37
C LEU A 517 -18.00 -11.28 -2.47
N ILE A 518 -17.41 -10.11 -2.73
CA ILE A 518 -16.32 -9.63 -1.89
C ILE A 518 -16.82 -9.34 -0.48
N THR A 519 -16.05 -9.78 0.53
CA THR A 519 -16.35 -9.45 1.91
C THR A 519 -15.04 -9.17 2.66
N ARG A 520 -15.15 -8.89 3.97
CA ARG A 520 -14.03 -8.58 4.83
C ARG A 520 -14.20 -9.27 6.19
N SER A 521 -13.07 -9.52 6.84
CA SER A 521 -13.07 -10.16 8.15
C SER A 521 -13.60 -9.20 9.22
N HIS A 522 -14.14 -9.80 10.29
CA HIS A 522 -14.71 -9.00 11.37
C HIS A 522 -13.64 -8.48 12.30
N ASN A 523 -12.59 -9.27 12.53
CA ASN A 523 -11.57 -8.84 13.47
C ASN A 523 -10.90 -7.56 13.00
N SER A 524 -10.71 -7.41 11.67
CA SER A 524 -10.09 -6.18 11.17
C SER A 524 -10.97 -4.97 11.48
N LEU A 525 -12.29 -5.12 11.36
CA LEU A 525 -13.21 -4.05 11.72
C LEU A 525 -13.12 -3.71 13.21
N PHE A 526 -13.07 -4.72 14.07
CA PHE A 526 -13.12 -4.48 15.52
C PHE A 526 -11.88 -3.72 15.99
N ALA A 527 -10.69 -4.09 15.48
CA ALA A 527 -9.45 -3.43 15.87
C ALA A 527 -9.44 -1.97 15.44
N LYS A 528 -9.89 -1.69 14.21
N LYS A 528 -9.92 -1.65 14.23
CA LYS A 528 -9.98 -0.32 13.71
CA LYS A 528 -9.87 -0.24 13.83
C LYS A 528 -10.91 0.51 14.57
C LYS A 528 -10.96 0.58 14.53
N LEU A 529 -12.06 -0.05 14.93
CA LEU A 529 -13.01 0.66 15.80
C LEU A 529 -12.42 0.85 17.18
N ALA A 530 -11.79 -0.21 17.72
CA ALA A 530 -11.19 -0.08 19.05
C ALA A 530 -10.04 0.90 19.07
N GLY A 531 -9.43 1.18 17.91
CA GLY A 531 -8.32 2.09 17.80
C GLY A 531 -8.67 3.51 17.41
N ARG A 532 -9.93 3.79 17.14
CA ARG A 532 -10.35 5.12 16.69
C ARG A 532 -10.26 6.15 17.80
N PRO A 533 -9.38 7.15 17.71
CA PRO A 533 -9.38 8.21 18.71
C PRO A 533 -10.61 9.10 18.60
N ARG A 534 -10.84 9.85 19.68
CA ARG A 534 -12.00 10.71 19.78
C ARG A 534 -11.89 11.87 18.79
N HIS A 535 -12.87 11.97 17.90
CA HIS A 535 -13.09 13.13 17.05
C HIS A 535 -14.37 13.85 17.49
N ASP A 536 -14.78 14.85 16.71
CA ASP A 536 -16.10 15.42 16.89
C ASP A 536 -17.15 14.31 16.72
N PRO A 537 -18.19 14.30 17.55
CA PRO A 537 -19.14 13.16 17.53
C PRO A 537 -19.90 12.97 16.21
N VAL A 538 -20.19 14.04 15.47
CA VAL A 538 -20.74 13.84 14.13
C VAL A 538 -19.70 13.21 13.21
N VAL A 539 -18.44 13.65 13.30
CA VAL A 539 -17.38 13.08 12.50
C VAL A 539 -17.24 11.59 12.79
N ASP A 540 -17.26 11.21 14.08
CA ASP A 540 -17.14 9.80 14.44
C ASP A 540 -18.35 8.99 13.99
N LYS A 541 -19.55 9.58 14.04
CA LYS A 541 -20.72 8.86 13.56
C LYS A 541 -20.60 8.60 12.06
N LEU A 542 -20.10 9.58 11.32
CA LEU A 542 -19.90 9.36 9.88
C LEU A 542 -18.76 8.40 9.60
N TYR A 543 -17.81 8.27 10.54
CA TYR A 543 -16.78 7.26 10.38
C TYR A 543 -17.37 5.85 10.46
N VAL A 544 -18.27 5.62 11.42
CA VAL A 544 -18.89 4.30 11.54
C VAL A 544 -19.61 3.94 10.25
N ARG A 545 -20.29 4.90 9.65
CA ARG A 545 -20.98 4.63 8.38
C ARG A 545 -19.98 4.42 7.26
N ALA A 546 -18.84 5.10 7.30
CA ALA A 546 -17.78 4.82 6.33
C ALA A 546 -17.31 3.38 6.44
N MET A 547 -17.23 2.85 7.68
CA MET A 547 -16.92 1.43 7.85
C MET A 547 -17.97 0.55 7.19
N MET A 548 -19.27 0.90 7.32
CA MET A 548 -20.28 0.11 6.61
C MET A 548 -19.97 0.10 5.12
N VAL A 549 -19.66 1.27 4.56
CA VAL A 549 -19.34 1.37 3.14
C VAL A 549 -18.16 0.46 2.80
N ASP A 550 -17.10 0.53 3.60
CA ASP A 550 -15.93 -0.32 3.35
C ASP A 550 -16.28 -1.80 3.31
N HIS A 551 -17.25 -2.22 4.13
CA HIS A 551 -17.60 -3.63 4.16
C HIS A 551 -18.69 -3.99 3.16
N MET A 552 -19.31 -2.99 2.52
CA MET A 552 -20.25 -3.17 1.40
C MET A 552 -21.50 -4.00 1.77
N GLY A 553 -21.83 -4.11 3.06
CA GLY A 553 -23.05 -4.78 3.46
C GLY A 553 -23.11 -6.26 3.20
N THR A 554 -22.03 -6.87 2.72
CA THR A 554 -22.07 -8.30 2.41
C THR A 554 -22.46 -9.13 3.64
N ASP A 555 -21.84 -8.84 4.77
CA ASP A 555 -21.98 -9.67 5.94
C ASP A 555 -23.04 -9.09 6.87
N PRO A 556 -24.12 -9.84 7.15
CA PRO A 556 -25.21 -9.28 7.96
C PRO A 556 -24.88 -9.15 9.44
N ILE A 557 -23.92 -9.91 9.95
CA ILE A 557 -23.44 -9.69 11.32
C ILE A 557 -22.71 -8.35 11.42
N VAL A 558 -21.84 -8.06 10.46
CA VAL A 558 -21.10 -6.80 10.44
C VAL A 558 -22.07 -5.62 10.31
N TYR A 559 -23.03 -5.73 9.40
CA TYR A 559 -24.02 -4.66 9.25
C TYR A 559 -24.77 -4.44 10.56
N ALA A 560 -25.22 -5.55 11.18
CA ALA A 560 -25.98 -5.46 12.43
C ALA A 560 -25.18 -4.74 13.51
N ILE A 561 -23.93 -5.16 13.71
CA ILE A 561 -23.08 -4.55 14.73
C ILE A 561 -22.92 -3.06 14.46
N LEU A 562 -22.64 -2.69 13.21
CA LEU A 562 -22.39 -1.28 12.90
C LEU A 562 -23.67 -0.46 13.04
N ASN A 563 -24.82 -1.03 12.65
CA ASN A 563 -26.09 -0.34 12.82
C ASN A 563 -26.41 -0.13 14.29
N GLU A 564 -26.04 -1.08 15.15
CA GLU A 564 -26.17 -0.90 16.59
C GLU A 564 -25.31 0.25 17.09
N ILE A 565 -24.05 0.30 16.68
CA ILE A 565 -23.15 1.37 17.11
C ILE A 565 -23.66 2.70 16.63
N ASP A 566 -24.16 2.73 15.39
CA ASP A 566 -24.69 3.97 14.83
C ASP A 566 -25.83 4.51 15.68
N ARG A 567 -26.78 3.65 16.06
CA ARG A 567 -27.84 4.05 16.97
C ARG A 567 -27.29 4.57 18.29
N SER A 568 -26.35 3.83 18.90
CA SER A 568 -25.87 4.20 20.23
C SER A 568 -25.22 5.58 20.26
N LEU A 569 -24.63 6.00 19.14
CA LEU A 569 -23.99 7.31 19.11
C LEU A 569 -25.02 8.45 19.16
N ASN A 570 -26.29 8.14 18.93
CA ASN A 570 -27.34 9.18 18.90
C ASN A 570 -27.59 9.81 20.27
N VAL A 571 -27.39 9.05 21.36
CA VAL A 571 -27.65 9.59 22.70
C VAL A 571 -26.87 10.87 22.94
N SER A 572 -25.61 10.90 22.53
CA SER A 572 -24.68 11.99 22.81
C SER A 572 -24.28 12.76 21.57
N LEU A 573 -24.99 12.59 20.45
CA LEU A 573 -24.53 13.12 19.17
C LEU A 573 -24.52 14.64 19.15
N GLU A 574 -25.42 15.28 19.88
CA GLU A 574 -25.56 16.73 19.81
C GLU A 574 -24.82 17.46 20.92
N ALA A 575 -23.99 16.77 21.70
CA ALA A 575 -23.40 17.35 22.91
C ALA A 575 -22.38 18.46 22.59
N ALA A 576 -21.76 18.43 21.42
CA ALA A 576 -20.77 19.44 21.07
C ALA A 576 -21.36 20.64 20.35
N GLY A 577 -22.64 20.57 19.95
CA GLY A 577 -23.22 21.61 19.12
C GLY A 577 -22.65 21.56 17.70
N LEU A 578 -23.14 22.49 16.88
CA LEU A 578 -22.73 22.53 15.48
C LEU A 578 -21.34 23.16 15.40
N THR A 579 -20.32 22.32 15.52
CA THR A 579 -18.92 22.71 15.41
C THR A 579 -18.53 22.91 13.95
N ASP A 580 -17.32 23.43 13.74
CA ASP A 580 -16.83 23.58 12.38
C ASP A 580 -16.51 22.23 11.73
N ALA A 581 -16.05 21.26 12.53
CA ALA A 581 -15.86 19.91 12.02
C ALA A 581 -17.17 19.31 11.53
N ALA A 582 -18.25 19.51 12.29
CA ALA A 582 -19.55 18.99 11.90
C ALA A 582 -20.11 19.74 10.70
N LYS A 583 -19.91 21.07 10.67
CA LYS A 583 -20.30 21.84 9.49
C LYS A 583 -19.68 21.28 8.22
N LYS A 584 -18.38 20.94 8.27
CA LYS A 584 -17.70 20.50 7.06
C LYS A 584 -18.26 19.18 6.54
N VAL A 585 -18.55 18.22 7.44
CA VAL A 585 -19.02 16.92 6.97
C VAL A 585 -20.50 16.92 6.64
N LEU A 586 -21.21 18.00 6.94
CA LEU A 586 -22.64 18.13 6.65
C LEU A 586 -22.91 19.09 5.51
N GLU A 587 -21.88 19.65 4.89
CA GLU A 587 -22.08 20.66 3.85
C GLU A 587 -22.76 20.07 2.61
N ASP A 588 -22.28 18.93 2.13
CA ASP A 588 -22.88 18.32 0.95
C ASP A 588 -24.37 18.07 1.16
N THR A 589 -24.73 17.57 2.35
CA THR A 589 -26.14 17.31 2.64
C THR A 589 -26.95 18.60 2.66
N ALA A 590 -26.43 19.64 3.32
CA ALA A 590 -27.15 20.90 3.41
C ALA A 590 -27.40 21.50 2.03
N GLN A 591 -26.47 21.34 1.08
CA GLN A 591 -26.71 21.93 -0.23
C GLN A 591 -27.63 21.08 -1.09
N SER A 592 -27.63 19.75 -0.92
CA SER A 592 -28.60 18.95 -1.67
C SER A 592 -30.01 19.03 -1.07
N MET A 593 -30.16 19.33 0.22
CA MET A 593 -31.49 19.42 0.82
C MET A 593 -32.07 20.83 0.92
N PHE A 594 -31.24 21.88 1.00
CA PHE A 594 -31.77 23.23 1.15
C PHE A 594 -31.24 24.25 0.14
N GLY A 595 -30.29 23.88 -0.70
CA GLY A 595 -29.74 24.79 -1.69
C GLY A 595 -28.52 25.61 -1.25
N ASN A 596 -28.26 25.74 0.05
CA ASN A 596 -27.17 26.57 0.55
C ASN A 596 -26.40 25.83 1.63
N ARG A 597 -25.23 26.36 1.99
CA ARG A 597 -24.45 25.85 3.11
C ARG A 597 -24.48 26.81 4.30
N GLU A 598 -25.58 27.54 4.46
CA GLU A 598 -25.68 28.51 5.53
C GLU A 598 -26.09 27.85 6.83
N GLN A 599 -26.03 28.66 7.90
CA GLN A 599 -26.16 28.15 9.27
C GLN A 599 -27.42 27.31 9.46
N ASP A 600 -28.56 27.79 8.96
CA ASP A 600 -29.82 27.14 9.29
C ASP A 600 -29.98 25.83 8.53
N ALA A 601 -29.62 25.82 7.24
CA ALA A 601 -29.56 24.56 6.51
C ALA A 601 -28.70 23.57 7.25
N LEU A 602 -27.50 23.99 7.65
CA LEU A 602 -26.59 23.08 8.33
C LEU A 602 -27.17 22.58 9.64
N LEU A 603 -27.83 23.45 10.40
CA LEU A 603 -28.39 23.02 11.68
C LEU A 603 -29.60 22.12 11.48
N ALA A 604 -30.38 22.35 10.42
CA ALA A 604 -31.48 21.43 10.11
C ALA A 604 -30.95 20.02 9.81
N VAL A 605 -29.90 19.94 8.99
CA VAL A 605 -29.27 18.64 8.74
C VAL A 605 -28.73 18.06 10.03
N TYR A 606 -28.06 18.89 10.83
CA TYR A 606 -27.48 18.43 12.08
C TYR A 606 -28.54 17.80 12.98
N ARG A 607 -29.64 18.52 13.21
CA ARG A 607 -30.65 18.03 14.12
C ARG A 607 -31.42 16.83 13.57
N ALA A 608 -31.44 16.63 12.26
CA ALA A 608 -32.10 15.46 11.69
C ALA A 608 -31.23 14.21 11.70
N LEU A 609 -29.93 14.37 11.95
CA LEU A 609 -28.97 13.26 11.82
C LEU A 609 -29.33 12.10 12.75
N SER A 610 -29.78 12.40 13.97
CA SER A 610 -30.16 11.35 14.92
C SER A 610 -31.27 10.46 14.38
N GLU A 611 -32.04 10.92 13.40
CA GLU A 611 -33.20 10.20 12.89
C GLU A 611 -32.89 9.27 11.74
N THR A 612 -31.64 9.16 11.32
CA THR A 612 -31.34 8.47 10.06
C THR A 612 -30.82 7.06 10.30
N VAL A 613 -31.08 6.20 9.32
CA VAL A 613 -30.57 4.84 9.28
C VAL A 613 -29.95 4.64 7.91
N ILE A 614 -28.84 3.91 7.86
CA ILE A 614 -28.20 3.59 6.59
C ILE A 614 -28.76 2.26 6.10
N ASP A 615 -29.31 2.29 4.90
CA ASP A 615 -30.00 1.16 4.29
C ASP A 615 -28.98 0.14 3.77
N ARG A 616 -29.11 -1.11 4.21
CA ARG A 616 -28.19 -2.15 3.75
C ARG A 616 -28.22 -2.30 2.22
N ARG A 617 -29.33 -1.96 1.58
CA ARG A 617 -29.42 -2.03 0.12
C ARG A 617 -28.46 -1.07 -0.55
N ALA A 618 -28.37 0.17 -0.03
CA ALA A 618 -27.44 1.15 -0.55
C ALA A 618 -26.01 0.64 -0.50
N LEU A 619 -25.63 0.03 0.64
CA LEU A 619 -24.28 -0.53 0.79
C LEU A 619 -24.02 -1.64 -0.22
N LEU A 620 -25.01 -2.51 -0.43
CA LEU A 620 -24.80 -3.63 -1.34
C LEU A 620 -24.84 -3.22 -2.80
N SER A 621 -25.29 -2.00 -3.11
CA SER A 621 -25.20 -1.54 -4.49
C SER A 621 -23.75 -1.33 -4.92
N LEU A 622 -22.82 -1.18 -3.96
CA LEU A 622 -21.42 -1.00 -4.33
C LEU A 622 -20.86 -2.23 -5.02
N HIS A 623 -21.49 -3.41 -4.88
CA HIS A 623 -21.01 -4.54 -5.68
C HIS A 623 -21.37 -4.42 -7.15
N THR A 624 -22.21 -3.47 -7.53
CA THR A 624 -22.63 -3.40 -8.93
C THR A 624 -21.53 -2.77 -9.77
N PRO A 625 -21.09 -3.43 -10.84
CA PRO A 625 -20.13 -2.80 -11.74
C PRO A 625 -20.79 -1.73 -12.60
N ARG A 626 -19.95 -0.84 -13.13
CA ARG A 626 -20.37 0.23 -14.02
C ARG A 626 -20.04 -0.20 -15.44
N ASP A 627 -20.90 -1.05 -16.01
CA ASP A 627 -20.52 -1.95 -17.08
C ASP A 627 -21.15 -1.65 -18.44
N GLY A 628 -22.08 -0.71 -18.53
CA GLY A 628 -22.91 -0.65 -19.72
C GLY A 628 -23.86 -1.82 -19.86
N ASP A 629 -23.81 -2.77 -18.94
CA ASP A 629 -24.88 -3.72 -18.70
C ASP A 629 -25.60 -3.44 -17.39
N HIS A 630 -25.02 -2.57 -16.55
CA HIS A 630 -25.52 -2.28 -15.22
C HIS A 630 -25.51 -0.76 -15.03
N ASP A 631 -26.61 -0.23 -14.49
CA ASP A 631 -26.64 1.14 -13.99
C ASP A 631 -26.68 1.07 -12.46
N PRO A 632 -25.59 1.40 -11.77
CA PRO A 632 -25.56 1.14 -10.32
C PRO A 632 -26.54 1.99 -9.53
N GLY A 633 -26.84 3.20 -9.97
CA GLY A 633 -27.74 4.02 -9.20
C GLY A 633 -27.00 5.00 -8.31
N ARG A 634 -27.48 6.23 -8.28
CA ARG A 634 -26.85 7.28 -7.50
C ARG A 634 -27.16 7.14 -6.03
N LEU A 635 -26.16 7.42 -5.20
CA LEU A 635 -26.31 7.23 -3.76
C LEU A 635 -26.74 8.50 -3.02
N HIS A 636 -26.41 9.68 -3.53
CA HIS A 636 -26.65 10.94 -2.82
C HIS A 636 -26.12 10.75 -1.39
N THR A 637 -26.91 11.08 -0.36
CA THR A 637 -26.47 10.93 1.02
C THR A 637 -26.79 9.54 1.60
N SER A 638 -27.14 8.55 0.76
CA SER A 638 -27.64 7.25 1.23
C SER A 638 -26.68 6.50 2.14
N VAL A 639 -25.37 6.76 2.03
CA VAL A 639 -24.42 6.01 2.83
C VAL A 639 -23.59 6.91 3.73
N SER A 640 -23.94 8.19 3.80
CA SER A 640 -23.28 9.14 4.69
C SER A 640 -24.27 9.67 5.73
N THR A 641 -25.04 10.71 5.40
CA THR A 641 -26.00 11.23 6.38
C THR A 641 -27.34 10.52 6.34
N GLY A 642 -27.63 9.74 5.30
CA GLY A 642 -28.82 8.92 5.30
C GLY A 642 -30.11 9.69 5.09
N MET A 643 -30.07 10.77 4.31
CA MET A 643 -31.25 11.59 4.12
C MET A 643 -31.82 11.47 2.71
N HIS A 644 -31.32 10.52 1.93
CA HIS A 644 -31.90 10.14 0.64
C HIS A 644 -32.16 8.65 0.69
N LEU A 645 -33.13 8.22 -0.10
CA LEU A 645 -33.41 6.80 -0.25
C LEU A 645 -32.74 6.29 -1.51
N PHE A 646 -32.09 5.14 -1.42
CA PHE A 646 -31.47 4.53 -2.58
C PHE A 646 -32.51 3.70 -3.33
N THR A 647 -32.72 4.03 -4.59
CA THR A 647 -33.54 3.22 -5.48
C THR A 647 -32.60 2.65 -6.53
N GLY A 648 -32.68 1.36 -6.75
CA GLY A 648 -31.74 0.73 -7.63
C GLY A 648 -31.73 -0.77 -7.44
N GLU A 649 -31.30 -1.47 -8.48
CA GLU A 649 -31.33 -2.91 -8.50
C GLU A 649 -29.97 -3.46 -8.08
N LEU A 650 -29.98 -4.46 -7.20
CA LEU A 650 -28.77 -5.13 -6.77
C LEU A 650 -28.37 -6.21 -7.78
N THR A 651 -27.11 -6.64 -7.69
CA THR A 651 -26.71 -7.85 -8.41
C THR A 651 -27.37 -9.06 -7.76
N PRO A 652 -27.51 -10.16 -8.53
CA PRO A 652 -28.12 -11.38 -7.97
C PRO A 652 -27.53 -11.84 -6.65
N ALA A 653 -26.21 -12.02 -6.59
CA ALA A 653 -25.58 -12.44 -5.34
C ALA A 653 -25.76 -11.40 -4.24
N ALA A 654 -25.74 -10.11 -4.59
CA ALA A 654 -25.94 -9.09 -3.58
C ALA A 654 -27.40 -9.04 -3.12
N GLN A 655 -28.33 -9.30 -4.05
CA GLN A 655 -29.74 -9.46 -3.66
C GLN A 655 -29.90 -10.63 -2.70
N TRP A 656 -29.24 -11.76 -3.00
CA TRP A 656 -29.23 -12.88 -2.06
C TRP A 656 -28.69 -12.46 -0.70
N ALA A 657 -27.65 -11.62 -0.66
CA ALA A 657 -27.10 -11.24 0.63
C ALA A 657 -28.03 -10.33 1.40
N TYR A 658 -28.82 -9.51 0.68
CA TYR A 658 -29.80 -8.66 1.36
C TYR A 658 -30.90 -9.49 2.04
N GLU A 659 -31.36 -10.55 1.38
CA GLU A 659 -32.43 -11.40 1.90
C GLU A 659 -31.97 -12.33 3.01
N CYS A 660 -30.73 -12.20 3.46
CA CYS A 660 -30.06 -13.22 4.23
C CYS A 660 -29.79 -12.67 5.63
N THR A 661 -30.39 -13.32 6.64
CA THR A 661 -30.30 -12.85 8.01
C THR A 661 -28.99 -13.30 8.65
N VAL A 662 -28.71 -12.74 9.83
CA VAL A 662 -27.59 -13.24 10.63
C VAL A 662 -27.65 -14.75 10.73
N GLU A 663 -28.86 -15.28 11.02
CA GLU A 663 -29.02 -16.71 11.26
C GLU A 663 -28.83 -17.51 9.98
N LYS A 664 -29.43 -17.07 8.88
CA LYS A 664 -29.23 -17.78 7.62
C LYS A 664 -27.76 -17.72 7.19
N TRP A 665 -27.10 -16.59 7.46
CA TRP A 665 -25.69 -16.40 7.10
C TRP A 665 -24.80 -17.43 7.78
N CYS A 666 -24.88 -17.52 9.12
CA CYS A 666 -24.06 -18.50 9.84
C CYS A 666 -24.39 -19.92 9.44
N GLN A 667 -25.66 -20.21 9.12
CA GLN A 667 -25.99 -21.55 8.68
C GLN A 667 -25.34 -21.86 7.35
N TYR A 668 -25.46 -20.92 6.40
CA TYR A 668 -24.94 -21.15 5.05
C TYR A 668 -23.42 -21.26 5.06
N LEU A 669 -22.74 -20.37 5.79
CA LEU A 669 -21.29 -20.46 5.91
C LEU A 669 -20.87 -21.77 6.56
N HIS A 670 -21.66 -22.25 7.53
CA HIS A 670 -21.38 -23.54 8.14
C HIS A 670 -21.54 -24.68 7.14
N ASP A 671 -22.68 -24.73 6.44
CA ASP A 671 -22.95 -25.80 5.49
C ASP A 671 -22.01 -25.79 4.29
N THR A 672 -21.43 -24.63 3.95
CA THR A 672 -20.53 -24.54 2.81
C THR A 672 -19.06 -24.59 3.21
N ASP A 673 -18.76 -24.57 4.51
CA ASP A 673 -17.39 -24.58 5.04
C ASP A 673 -16.66 -23.28 4.72
N GLN A 674 -17.39 -22.16 4.71
CA GLN A 674 -16.85 -20.85 4.37
C GLN A 674 -16.76 -19.94 5.57
N GLU A 675 -16.81 -20.49 6.79
CA GLU A 675 -16.76 -19.62 7.95
C GLU A 675 -15.38 -19.03 8.19
N GLY A 676 -14.37 -19.45 7.43
CA GLY A 676 -13.06 -18.85 7.54
C GLY A 676 -13.04 -17.37 7.20
N VAL A 677 -14.02 -16.89 6.44
CA VAL A 677 -14.05 -15.47 6.04
C VAL A 677 -14.27 -14.56 7.24
N MET A 678 -14.78 -15.06 8.35
CA MET A 678 -15.17 -14.15 9.42
C MET A 678 -13.97 -13.66 10.20
N PHE A 679 -12.97 -14.50 10.43
CA PHE A 679 -11.87 -14.12 11.30
C PHE A 679 -10.53 -14.38 10.63
N ASP A 680 -9.65 -13.38 10.75
CA ASP A 680 -8.32 -13.24 10.12
C ASP A 680 -8.43 -12.61 8.73
C1 GOL D . 25.21 18.95 -2.44
O1 GOL D . 26.03 20.00 -2.04
C2 GOL D . 25.32 17.79 -1.42
O2 GOL D . 26.11 16.76 -1.91
C3 GOL D . 23.85 17.33 -1.14
O3 GOL D . 23.33 18.12 -0.09
C1 GOL E . 16.72 -2.14 -19.37
O1 GOL E . 16.30 -1.82 -20.73
C2 GOL E . 18.30 -2.03 -19.33
O2 GOL E . 18.77 -0.72 -19.35
C3 GOL E . 18.73 -2.76 -18.05
O3 GOL E . 18.49 -4.12 -18.28
#